data_3AVT
#
_entry.id   3AVT
#
_cell.length_a   139.120
_cell.length_b   255.990
_cell.length_c   101.370
_cell.angle_alpha   90.00
_cell.angle_beta   90.00
_cell.angle_gamma   90.00
#
_symmetry.space_group_name_H-M   'C 2 2 21'
#
loop_
_entity.id
_entity.type
_entity.pdbx_description
1 polymer 'Elongation factor Ts, Elongation factor Tu, LINKER, Q beta replicase'
2 polymer "RNA (5'-R(*AP*UP*CP*GP*CP*CP*A)-3')"
3 non-polymer "3'-DEOXY-GUANOSINE-5'-TRIPHOSPHATE"
4 non-polymer 'CALCIUM ION'
5 water water
#
loop_
_entity_poly.entity_id
_entity_poly.type
_entity_poly.pdbx_seq_one_letter_code
_entity_poly.pdbx_strand_id
1 'polypeptide(L)'
;MAEITASLVKELRERTGAGMMDCKKALTEANGDIELAIENMRKSGAIKAAKKAGNVAADGVIKTKIDGNYGIILEVNCQT
DFVAKDAGFQAFADKVLDAAVAGKITDVEVLKAQFEEERVALVAKIGENINIRRVAALEGDVLGSYQHGARIGVLVAAKG
ADEELVKHIAMHVAASKPEFIKPEDVSAEVVEKEYQVQLDIAMQSGKPKEIAEKMVEGRMKKFTGEVSLTGQPFVMEPSK
TVGQLLKEHNAEVTGFIRFEVGEGIEKVETDFAAEVAAMSKQSHMSKEKFERTKPHVNVGTIGHVDHGKTTLTAAITTVL
AKTYGGAARAFDQIDNAPEEKARGITINTSHVEYDTPTRHYAHVDCPGHADYVKNMITGAAQMDGAILVVAATDGPMPQT
REHILLGRQVGVPYIIVFLNKCDMVDDEELLELVEMEVRELLSQYDFPGDDTPIVRGSALKALEGDAEWEAKILELAGFL
DSYIPEPERAIDKPFLLPIEDVFSISGRGTVVTGRVERGIIKVGEEVEIVGIKETQKSTCTGVEMFRKLLDEGRAGENVG
VLLRGIKREEIERGQVLAKPGTIKPHTKFESEVYILSKDEGGRHTPFFKGYRPQFYFRTTDVTGTIELPEGVEMVMPGDN
IKMVVTLIHPIAMDDGLRFAIREGGRTVGAGVVAKVLSGASGAAGGGGSGGGGSMSKTASSRNSLSAQLRRAANTRIEVE
GNLALSIANDLLLAYGQSPFNSEAECISFSPRFDGTPDDFRINYLKAEIMSKYDDFSLGIDTEAVAWEKFLAAEAECALT
NARLYRPDYSEDFNFSLGESCIHMARRKIAKLIGDVPSVEGMLRHCRFSGGATTTNNRSYGHPSFKFALPQACTPRALKY
VLALRASTHFDIRISDISPFNKAVTVPKNSKTDRCIAIEPGWNMFFQLGIGGILRDRLRCWGIDLNDQTINQRRAHEGSV
TNNLATVDLSAASDSISLALCELLLPPGWFEVLMDLRSPKGRLPDGSVVTYEKISSMGNGYTFELESLIFASLARSVCEI
LDLDSSEVTVYGDDIILPSCAVPALREVFKYVGFTTNTKKTFSEGPFRESCGKHYYSGVDVTPFYIRHRIVSPADLILVL
NNLYRWATIDGVWDPRAHSVYLKYRKLLPKQLQRNTIPDGYGDGALVGSVLINPFAKNRGWIRYVPVITDHTRDRERAEL
GSYLYDLFSRCLSESNDGLPLRGPSGCDSADLFAIDQLICRSNPTKISRSTGKFDIQYIACSSRVLAPYGVFQGTKVASL
HEAHHHHHH
;
A
2 'polyribonucleotide' AUCGCCA T
#
loop_
_chem_comp.id
_chem_comp.type
_chem_comp.name
_chem_comp.formula
A RNA linking ADENOSINE-5'-MONOPHOSPHATE 'C10 H14 N5 O7 P'
C RNA linking CYTIDINE-5'-MONOPHOSPHATE 'C9 H14 N3 O8 P'
CA non-polymer 'CALCIUM ION' 'Ca 2'
G RNA linking GUANOSINE-5'-MONOPHOSPHATE 'C10 H14 N5 O8 P'
GH3 RNA linking 3'-DEOXY-GUANOSINE-5'-TRIPHOSPHATE 'C10 H16 N5 O13 P3'
U RNA linking URIDINE-5'-MONOPHOSPHATE 'C9 H13 N2 O9 P'
#
# COMPACT_ATOMS: atom_id res chain seq x y z
N ALA A 2 -4.72 -24.20 -54.96
CA ALA A 2 -3.47 -23.55 -54.62
C ALA A 2 -3.20 -22.33 -55.49
N GLU A 3 -1.92 -22.13 -55.84
CA GLU A 3 -1.50 -21.06 -56.75
C GLU A 3 -0.15 -21.41 -57.37
N ILE A 4 0.39 -22.56 -56.94
CA ILE A 4 1.69 -23.03 -57.41
C ILE A 4 1.74 -24.57 -57.52
N THR A 5 2.35 -25.23 -56.54
CA THR A 5 2.39 -26.70 -56.47
C THR A 5 2.29 -27.19 -55.02
N ALA A 6 2.77 -28.41 -54.77
CA ALA A 6 2.65 -29.01 -53.43
C ALA A 6 3.42 -28.23 -52.38
N SER A 7 4.54 -28.77 -51.95
CA SER A 7 5.38 -28.10 -50.96
C SER A 7 6.42 -27.21 -51.65
N LEU A 8 5.94 -26.17 -52.33
CA LEU A 8 6.82 -25.29 -53.10
C LEU A 8 7.70 -24.44 -52.19
N VAL A 9 7.36 -24.41 -50.91
CA VAL A 9 8.14 -23.65 -49.94
C VAL A 9 8.71 -24.58 -48.86
N LYS A 10 8.71 -25.89 -49.17
CA LYS A 10 9.16 -26.92 -48.22
C LYS A 10 10.58 -26.70 -47.72
N GLU A 11 11.27 -25.73 -48.31
CA GLU A 11 12.63 -25.40 -47.91
C GLU A 11 13.00 -24.02 -48.47
N LEU A 12 11.99 -23.21 -48.75
CA LEU A 12 12.22 -21.82 -49.10
C LEU A 12 12.16 -20.95 -47.84
N ARG A 13 11.89 -21.59 -46.71
CA ARG A 13 11.98 -20.92 -45.43
C ARG A 13 13.07 -21.57 -44.59
N GLU A 14 13.39 -22.83 -44.91
CA GLU A 14 14.45 -23.56 -44.20
C GLU A 14 15.85 -23.01 -44.52
N ARG A 15 15.91 -21.99 -45.39
CA ARG A 15 17.16 -21.30 -45.65
C ARG A 15 16.94 -19.80 -45.50
N THR A 16 15.69 -19.44 -45.22
CA THR A 16 15.31 -18.04 -45.08
C THR A 16 14.70 -17.72 -43.69
N GLY A 17 13.54 -18.29 -43.42
CA GLY A 17 12.87 -18.05 -42.14
C GLY A 17 12.02 -16.80 -42.20
N ALA A 18 11.84 -16.28 -43.43
CA ALA A 18 10.90 -15.19 -43.66
C ALA A 18 9.52 -15.78 -43.86
N GLY A 19 8.52 -14.92 -43.99
CA GLY A 19 7.14 -15.37 -44.09
C GLY A 19 6.86 -16.47 -45.10
N MET A 20 5.76 -17.19 -44.87
CA MET A 20 5.31 -18.22 -45.79
C MET A 20 4.80 -17.60 -47.08
N MET A 21 3.96 -16.57 -46.95
CA MET A 21 3.47 -15.80 -48.09
C MET A 21 4.48 -14.73 -48.48
N ASP A 22 5.72 -14.92 -48.02
CA ASP A 22 6.83 -14.12 -48.50
C ASP A 22 7.80 -15.10 -49.15
N CYS A 23 7.29 -16.29 -49.44
CA CYS A 23 8.04 -17.33 -50.12
C CYS A 23 7.18 -18.04 -51.16
N LYS A 24 5.87 -17.79 -51.10
CA LYS A 24 4.95 -18.21 -52.13
C LYS A 24 4.77 -17.03 -53.08
N LYS A 25 5.46 -15.93 -52.77
CA LYS A 25 5.39 -14.72 -53.58
C LYS A 25 6.71 -14.39 -54.28
N ALA A 26 7.81 -14.39 -53.52
CA ALA A 26 9.12 -14.17 -54.11
C ALA A 26 9.59 -15.42 -54.86
N LEU A 27 8.72 -16.43 -54.90
CA LEU A 27 8.99 -17.67 -55.62
C LEU A 27 7.94 -17.93 -56.70
N THR A 28 7.20 -16.88 -57.06
CA THR A 28 6.25 -16.94 -58.15
C THR A 28 6.62 -15.90 -59.20
N GLU A 29 7.26 -14.83 -58.75
CA GLU A 29 7.75 -13.80 -59.64
C GLU A 29 9.25 -14.03 -59.83
N ALA A 30 9.67 -15.23 -59.47
CA ALA A 30 11.02 -15.72 -59.71
C ALA A 30 10.91 -17.14 -60.24
N ASN A 31 9.72 -17.48 -60.74
CA ASN A 31 9.42 -18.81 -61.30
C ASN A 31 10.22 -19.95 -60.69
N GLY A 32 9.78 -20.44 -59.53
CA GLY A 32 10.39 -21.61 -58.90
C GLY A 32 11.91 -21.58 -58.84
N ASP A 33 12.48 -20.37 -58.84
CA ASP A 33 13.93 -20.21 -58.80
C ASP A 33 14.41 -20.03 -57.35
N ILE A 34 14.83 -21.15 -56.76
CA ILE A 34 15.16 -21.19 -55.34
C ILE A 34 16.24 -20.18 -54.95
N GLU A 35 17.35 -20.19 -55.66
CA GLU A 35 18.45 -19.27 -55.35
C GLU A 35 18.23 -17.87 -55.93
N LEU A 36 17.07 -17.64 -56.55
CA LEU A 36 16.74 -16.30 -57.02
C LEU A 36 15.96 -15.55 -55.96
N ALA A 37 14.83 -16.11 -55.57
CA ALA A 37 13.98 -15.54 -54.53
C ALA A 37 14.83 -15.01 -53.37
N ILE A 38 15.96 -15.68 -53.13
CA ILE A 38 16.87 -15.31 -52.06
C ILE A 38 17.34 -13.86 -52.18
N GLU A 39 17.57 -13.40 -53.41
CA GLU A 39 18.05 -12.05 -53.65
C GLU A 39 16.93 -11.06 -53.98
N ASN A 40 15.77 -11.60 -54.36
CA ASN A 40 14.59 -10.76 -54.57
C ASN A 40 14.13 -10.21 -53.24
N MET A 41 14.25 -11.03 -52.20
CA MET A 41 13.86 -10.65 -50.85
C MET A 41 15.01 -9.97 -50.12
N ARG A 42 16.23 -10.34 -50.50
CA ARG A 42 17.44 -9.79 -49.90
C ARG A 42 17.54 -8.28 -50.08
N LYS A 43 17.33 -7.80 -51.30
CA LYS A 43 17.37 -6.36 -51.55
C LYS A 43 15.97 -5.74 -51.43
N SER A 44 14.99 -6.56 -51.05
CA SER A 44 13.63 -6.08 -50.80
C SER A 44 13.31 -6.17 -49.32
N GLY A 45 14.21 -6.79 -48.56
CA GLY A 45 14.06 -6.92 -47.12
C GLY A 45 14.50 -5.65 -46.41
N ALA A 46 14.69 -4.59 -47.19
CA ALA A 46 15.09 -3.30 -46.64
C ALA A 46 13.88 -2.38 -46.49
N ILE A 47 12.87 -2.56 -47.33
CA ILE A 47 11.62 -1.83 -47.20
C ILE A 47 10.92 -2.31 -45.93
N LYS A 48 11.27 -3.52 -45.51
CA LYS A 48 10.75 -4.10 -44.27
C LYS A 48 11.32 -3.35 -43.07
N ALA A 49 12.62 -3.51 -42.85
CA ALA A 49 13.34 -2.82 -41.78
C ALA A 49 12.97 -1.34 -41.79
N ALA A 50 12.63 -0.85 -42.98
CA ALA A 50 12.17 0.52 -43.15
C ALA A 50 10.85 0.73 -42.42
N LYS A 51 9.84 -0.06 -42.79
CA LYS A 51 8.51 0.07 -42.19
C LYS A 51 8.49 -0.36 -40.72
N LYS A 52 9.65 -0.31 -40.06
CA LYS A 52 9.74 -0.75 -38.67
C LYS A 52 10.35 0.27 -37.72
N ALA A 53 11.19 1.16 -38.22
CA ALA A 53 11.76 2.21 -37.37
C ALA A 53 10.66 3.12 -36.82
N GLY A 54 9.44 2.92 -37.32
CA GLY A 54 8.26 3.62 -36.81
C GLY A 54 7.62 2.88 -35.65
N ASN A 55 8.32 1.85 -35.18
CA ASN A 55 7.90 1.09 -34.00
C ASN A 55 8.92 1.25 -32.88
N VAL A 56 8.46 1.76 -31.74
CA VAL A 56 9.32 2.03 -30.58
C VAL A 56 10.02 0.77 -30.07
N ALA A 57 11.33 0.88 -29.83
CA ALA A 57 12.17 -0.26 -29.41
C ALA A 57 12.56 -0.15 -27.93
N ALA A 58 11.65 -0.58 -27.06
CA ALA A 58 11.78 -0.36 -25.62
C ALA A 58 12.65 -1.40 -24.94
N ASP A 59 12.53 -2.65 -25.38
CA ASP A 59 13.24 -3.74 -24.74
C ASP A 59 14.54 -4.03 -25.48
N GLY A 60 15.26 -5.08 -25.06
CA GLY A 60 16.54 -5.39 -25.66
C GLY A 60 17.51 -5.93 -24.62
N VAL A 61 18.80 -5.90 -24.93
CA VAL A 61 19.80 -6.43 -24.01
C VAL A 61 21.07 -5.60 -24.03
N ILE A 62 21.85 -5.71 -22.96
CA ILE A 62 23.16 -5.06 -22.88
C ILE A 62 24.26 -6.10 -22.76
N LYS A 63 25.42 -5.80 -23.35
CA LYS A 63 26.55 -6.72 -23.41
C LYS A 63 27.85 -6.02 -22.97
N THR A 64 28.78 -6.81 -22.44
CA THR A 64 29.96 -6.24 -21.81
C THR A 64 31.21 -7.13 -21.95
N LYS A 65 32.26 -6.58 -22.58
CA LYS A 65 33.52 -7.32 -22.78
C LYS A 65 34.76 -6.51 -22.39
N ILE A 66 35.74 -7.19 -21.80
CA ILE A 66 36.95 -6.56 -21.32
C ILE A 66 38.23 -7.26 -21.78
N ASP A 67 39.09 -6.52 -22.48
CA ASP A 67 40.34 -7.04 -23.02
C ASP A 67 41.52 -6.61 -22.16
N GLY A 68 41.96 -7.49 -21.27
CA GLY A 68 43.06 -7.21 -20.37
C GLY A 68 42.78 -6.03 -19.45
N ASN A 69 42.72 -4.84 -20.05
CA ASN A 69 42.24 -3.64 -19.37
C ASN A 69 41.63 -2.63 -20.35
N TYR A 70 41.11 -3.16 -21.46
CA TYR A 70 40.24 -2.39 -22.35
C TYR A 70 38.85 -3.03 -22.42
N GLY A 71 37.83 -2.30 -21.99
CA GLY A 71 36.48 -2.84 -21.94
C GLY A 71 35.46 -2.04 -22.73
N ILE A 72 34.35 -2.70 -23.05
CA ILE A 72 33.26 -2.08 -23.80
C ILE A 72 31.86 -2.48 -23.35
N ILE A 73 30.99 -1.48 -23.27
CA ILE A 73 29.57 -1.65 -22.93
C ILE A 73 28.74 -1.35 -24.17
N LEU A 74 27.73 -2.18 -24.42
CA LEU A 74 26.97 -2.08 -25.66
C LEU A 74 25.45 -2.20 -25.48
N GLU A 75 24.70 -1.25 -26.00
CA GLU A 75 23.26 -1.38 -26.04
C GLU A 75 22.74 -1.62 -27.47
N VAL A 76 22.32 -2.85 -27.72
CA VAL A 76 21.67 -3.21 -28.95
C VAL A 76 20.29 -3.69 -28.58
N ASN A 77 19.31 -2.79 -28.64
CA ASN A 77 17.98 -3.14 -28.19
C ASN A 77 16.99 -3.45 -29.30
N CYS A 78 16.01 -4.28 -28.97
CA CYS A 78 14.93 -4.64 -29.87
C CYS A 78 13.66 -3.99 -29.36
N GLN A 79 12.59 -4.76 -29.25
CA GLN A 79 11.34 -4.19 -28.73
C GLN A 79 10.50 -5.20 -27.95
N THR A 80 11.12 -6.25 -27.42
CA THR A 80 10.39 -7.21 -26.61
C THR A 80 11.25 -8.09 -25.69
N ASP A 81 10.71 -8.36 -24.50
CA ASP A 81 11.25 -9.37 -23.58
C ASP A 81 11.72 -10.60 -24.35
N PHE A 82 10.84 -11.17 -25.16
CA PHE A 82 11.02 -12.48 -25.77
C PHE A 82 12.07 -12.51 -26.87
N VAL A 83 12.15 -11.42 -27.63
CA VAL A 83 13.14 -11.32 -28.69
C VAL A 83 14.52 -11.17 -28.08
N ALA A 84 14.64 -10.27 -27.12
CA ALA A 84 15.89 -10.07 -26.40
C ALA A 84 16.53 -11.36 -25.88
N LYS A 85 15.73 -12.40 -25.62
CA LYS A 85 16.27 -13.61 -25.03
C LYS A 85 16.41 -14.76 -26.04
N ASP A 86 15.99 -14.51 -27.27
CA ASP A 86 16.06 -15.53 -28.32
C ASP A 86 17.50 -15.86 -28.75
N ALA A 87 17.72 -17.10 -29.17
CA ALA A 87 19.03 -17.56 -29.63
C ALA A 87 19.66 -16.65 -30.68
N GLY A 88 18.85 -16.22 -31.63
CA GLY A 88 19.33 -15.36 -32.70
C GLY A 88 19.79 -14.03 -32.18
N PHE A 89 18.86 -13.23 -31.68
CA PHE A 89 19.13 -11.88 -31.17
C PHE A 89 20.25 -11.90 -30.14
N GLN A 90 20.64 -13.10 -29.71
CA GLN A 90 21.84 -13.24 -28.91
C GLN A 90 23.06 -13.21 -29.83
N ALA A 91 23.12 -14.18 -30.75
CA ALA A 91 24.24 -14.31 -31.70
C ALA A 91 24.60 -13.00 -32.41
N PHE A 92 23.61 -12.22 -32.77
CA PHE A 92 23.85 -10.96 -33.47
C PHE A 92 24.61 -9.98 -32.60
N ALA A 93 24.12 -9.78 -31.38
CA ALA A 93 24.77 -8.86 -30.43
C ALA A 93 26.05 -9.42 -29.82
N ASP A 94 26.17 -10.74 -29.74
CA ASP A 94 27.42 -11.36 -29.35
C ASP A 94 28.51 -10.95 -30.33
N LYS A 95 28.29 -11.27 -31.61
CA LYS A 95 29.23 -10.93 -32.68
C LYS A 95 29.50 -9.42 -32.76
N VAL A 96 28.42 -8.62 -32.82
CA VAL A 96 28.54 -7.16 -32.88
C VAL A 96 29.31 -6.60 -31.69
N LEU A 97 29.53 -7.46 -30.70
CA LEU A 97 30.25 -7.07 -29.48
C LEU A 97 31.69 -7.57 -29.57
N ASP A 98 31.86 -8.81 -29.99
CA ASP A 98 33.19 -9.37 -30.15
C ASP A 98 33.95 -8.54 -31.20
N ALA A 99 33.24 -8.21 -32.27
CA ALA A 99 33.77 -7.36 -33.34
C ALA A 99 33.71 -5.90 -32.92
N ALA A 100 34.09 -5.64 -31.68
CA ALA A 100 34.18 -4.27 -31.18
C ALA A 100 35.40 -4.14 -30.27
N VAL A 101 35.77 -5.22 -29.59
CA VAL A 101 37.01 -5.24 -28.83
C VAL A 101 38.16 -5.03 -29.81
N ALA A 102 38.25 -5.95 -30.77
CA ALA A 102 39.12 -5.80 -31.93
C ALA A 102 38.91 -4.41 -32.52
N GLY A 103 37.84 -4.28 -33.32
CA GLY A 103 37.44 -3.00 -33.86
C GLY A 103 37.04 -2.07 -32.73
N LYS A 104 38.03 -1.49 -32.08
CA LYS A 104 37.81 -0.60 -30.94
C LYS A 104 37.01 0.65 -31.31
N ILE A 105 35.70 0.46 -31.52
CA ILE A 105 34.80 1.55 -31.90
C ILE A 105 34.42 2.41 -30.70
N THR A 106 33.87 3.59 -30.98
CA THR A 106 33.23 4.42 -29.95
C THR A 106 32.18 5.23 -30.69
N ASP A 107 32.35 5.29 -32.00
CA ASP A 107 31.36 5.91 -32.86
C ASP A 107 30.37 4.83 -33.25
N VAL A 108 29.14 4.98 -32.80
CA VAL A 108 28.10 3.98 -33.02
C VAL A 108 27.97 3.64 -34.51
N GLU A 109 28.17 4.63 -35.37
CA GLU A 109 27.97 4.45 -36.81
C GLU A 109 28.95 3.46 -37.42
N VAL A 110 30.19 3.47 -36.91
CA VAL A 110 31.22 2.56 -37.40
C VAL A 110 30.74 1.11 -37.42
N LEU A 111 30.40 0.59 -36.25
CA LEU A 111 29.94 -0.80 -36.15
C LEU A 111 28.49 -0.92 -36.64
N LYS A 112 27.76 0.19 -36.59
CA LYS A 112 26.38 0.19 -37.07
C LYS A 112 26.30 -0.28 -38.52
N ALA A 113 26.75 0.57 -39.45
CA ALA A 113 26.65 0.26 -40.87
C ALA A 113 27.42 -1.01 -41.26
N GLN A 114 28.50 -1.28 -40.53
CA GLN A 114 29.31 -2.48 -40.76
C GLN A 114 28.47 -3.75 -40.59
N PHE A 115 27.29 -3.57 -40.00
CA PHE A 115 26.34 -4.66 -39.74
C PHE A 115 24.97 -4.37 -40.32
N GLU A 116 24.69 -3.10 -40.59
CA GLU A 116 23.41 -2.66 -41.15
C GLU A 116 22.91 -3.62 -42.22
N GLU A 117 23.85 -4.26 -42.89
CA GLU A 117 23.55 -5.32 -43.82
C GLU A 117 22.93 -6.48 -43.03
N GLU A 118 23.77 -7.17 -42.28
CA GLU A 118 23.36 -8.34 -41.50
C GLU A 118 22.18 -8.08 -40.56
N ARG A 119 21.92 -6.81 -40.24
CA ARG A 119 20.87 -6.44 -39.28
C ARG A 119 19.50 -6.26 -39.92
N VAL A 120 19.44 -6.12 -41.24
CA VAL A 120 18.16 -6.14 -41.92
C VAL A 120 17.85 -7.57 -42.34
N ALA A 121 18.78 -8.48 -42.00
CA ALA A 121 18.66 -9.91 -42.26
C ALA A 121 17.77 -10.59 -41.22
N LEU A 122 17.99 -10.21 -39.96
CA LEU A 122 17.19 -10.74 -38.88
C LEU A 122 15.82 -10.06 -38.84
N VAL A 123 15.82 -8.73 -38.75
CA VAL A 123 14.57 -7.99 -38.72
C VAL A 123 13.52 -8.64 -39.61
N ALA A 124 13.96 -9.06 -40.80
CA ALA A 124 13.08 -9.73 -41.74
C ALA A 124 12.69 -11.09 -41.19
N LYS A 125 13.69 -11.87 -40.78
CA LYS A 125 13.46 -13.20 -40.22
C LYS A 125 12.59 -13.15 -38.97
N ILE A 126 12.73 -12.09 -38.16
CA ILE A 126 12.00 -11.94 -36.90
C ILE A 126 10.68 -11.24 -37.08
N GLY A 127 10.73 -9.90 -37.08
CA GLY A 127 9.54 -9.10 -37.22
C GLY A 127 9.51 -8.00 -36.19
N GLU A 128 10.69 -7.53 -35.79
CA GLU A 128 10.83 -6.50 -34.77
C GLU A 128 11.89 -5.46 -35.10
N ASN A 129 11.57 -4.18 -34.88
CA ASN A 129 12.55 -3.12 -35.08
C ASN A 129 13.71 -3.31 -34.11
N ILE A 130 14.81 -3.85 -34.60
CA ILE A 130 16.02 -4.02 -33.81
C ILE A 130 17.15 -3.19 -34.41
N ASN A 131 18.21 -3.00 -33.65
CA ASN A 131 19.35 -2.21 -34.08
C ASN A 131 20.36 -2.02 -32.95
N ILE A 132 21.41 -1.27 -33.22
CA ILE A 132 22.41 -1.00 -32.20
C ILE A 132 22.32 0.47 -31.78
N ARG A 133 21.65 0.73 -30.67
CA ARG A 133 21.29 2.10 -30.29
C ARG A 133 22.46 2.96 -29.79
N ARG A 134 23.42 2.37 -29.09
CA ARG A 134 24.59 3.14 -28.67
C ARG A 134 25.72 2.27 -28.14
N VAL A 135 26.87 2.90 -27.99
CA VAL A 135 28.05 2.20 -27.54
C VAL A 135 29.04 3.24 -27.07
N ALA A 136 29.89 2.82 -26.14
CA ALA A 136 30.95 3.63 -25.58
C ALA A 136 31.92 2.64 -24.96
N ALA A 137 33.08 3.12 -24.51
CA ALA A 137 34.06 2.23 -23.90
C ALA A 137 34.87 2.97 -22.84
N LEU A 138 35.66 2.20 -22.11
CA LEU A 138 36.38 2.74 -20.97
C LEU A 138 37.67 1.97 -20.79
N GLU A 139 38.75 2.71 -20.55
CA GLU A 139 40.05 2.10 -20.28
C GLU A 139 40.63 2.58 -18.95
N GLY A 140 41.11 1.63 -18.15
CA GLY A 140 41.73 1.91 -16.86
C GLY A 140 42.76 0.85 -16.56
N ASP A 141 43.41 0.94 -15.39
CA ASP A 141 44.47 0.01 -15.04
C ASP A 141 43.95 -1.41 -14.77
N VAL A 142 43.41 -1.64 -13.58
CA VAL A 142 42.60 -2.83 -13.34
C VAL A 142 41.13 -2.43 -13.40
N LEU A 143 40.49 -2.76 -14.52
CA LEU A 143 39.06 -2.47 -14.69
C LEU A 143 38.22 -3.75 -14.76
N GLY A 144 36.94 -3.60 -14.44
CA GLY A 144 36.02 -4.71 -14.37
C GLY A 144 34.59 -4.31 -14.71
N SER A 145 33.74 -5.34 -14.78
CA SER A 145 32.34 -5.16 -15.17
C SER A 145 31.38 -6.02 -14.33
N TYR A 146 30.16 -5.52 -14.15
CA TYR A 146 29.11 -6.37 -13.62
C TYR A 146 27.95 -6.39 -14.62
N GLN A 147 27.42 -7.59 -14.86
CA GLN A 147 26.33 -7.74 -15.79
C GLN A 147 25.14 -8.32 -15.04
N HIS A 148 24.13 -7.47 -14.80
CA HIS A 148 22.94 -7.88 -14.05
C HIS A 148 21.96 -8.60 -14.97
N GLY A 149 22.11 -9.91 -15.06
CA GLY A 149 21.34 -10.70 -16.01
C GLY A 149 21.58 -10.31 -17.46
N ALA A 150 20.87 -9.29 -17.91
CA ALA A 150 20.95 -8.86 -19.30
C ALA A 150 20.26 -7.52 -19.44
N ARG A 151 19.55 -7.12 -18.40
CA ARG A 151 18.81 -5.87 -18.40
C ARG A 151 19.79 -4.70 -18.33
N ILE A 152 20.87 -4.91 -17.60
CA ILE A 152 21.71 -3.78 -17.21
C ILE A 152 23.15 -4.19 -16.92
N GLY A 153 24.11 -3.40 -17.42
CA GLY A 153 25.52 -3.70 -17.26
C GLY A 153 26.34 -2.47 -16.97
N VAL A 154 27.46 -2.67 -16.29
CA VAL A 154 28.32 -1.54 -15.93
C VAL A 154 29.80 -1.76 -16.20
N LEU A 155 30.48 -0.66 -16.51
CA LEU A 155 31.92 -0.65 -16.72
C LEU A 155 32.61 0.23 -15.68
N VAL A 156 33.50 -0.38 -14.90
CA VAL A 156 34.24 0.35 -13.90
C VAL A 156 35.73 0.25 -14.17
N ALA A 157 36.41 1.40 -14.18
CA ALA A 157 37.85 1.43 -14.30
C ALA A 157 38.46 2.06 -13.04
N ALA A 158 39.34 1.31 -12.39
CA ALA A 158 39.88 1.74 -11.11
C ALA A 158 41.37 1.45 -10.95
N LYS A 159 42.09 2.50 -10.58
CA LYS A 159 43.51 2.43 -10.30
C LYS A 159 43.78 2.02 -8.85
N GLY A 160 44.44 0.89 -8.66
CA GLY A 160 44.86 0.46 -7.34
C GLY A 160 43.93 -0.57 -6.75
N ALA A 161 43.01 -1.05 -7.59
CA ALA A 161 42.01 -2.00 -7.14
C ALA A 161 42.35 -3.42 -7.59
N ASP A 162 41.62 -4.41 -7.08
CA ASP A 162 41.81 -5.82 -7.47
C ASP A 162 40.55 -6.54 -7.96
N GLU A 163 40.61 -7.87 -7.96
CA GLU A 163 39.59 -8.71 -8.62
C GLU A 163 38.23 -8.67 -7.93
N GLU A 164 38.19 -9.06 -6.66
CA GLU A 164 36.97 -8.98 -5.88
C GLU A 164 36.84 -7.60 -5.26
N LEU A 165 36.82 -6.57 -6.09
CA LEU A 165 36.67 -5.22 -5.61
C LEU A 165 36.02 -4.34 -6.66
N VAL A 166 36.62 -4.24 -7.84
CA VAL A 166 35.99 -3.48 -8.91
C VAL A 166 34.72 -4.19 -9.30
N LYS A 167 34.63 -5.48 -8.98
CA LYS A 167 33.40 -6.22 -9.21
C LYS A 167 32.33 -5.62 -8.29
N HIS A 168 32.68 -5.57 -7.01
CA HIS A 168 31.79 -5.04 -5.99
C HIS A 168 31.46 -3.57 -6.24
N ILE A 169 32.42 -2.83 -6.79
CA ILE A 169 32.16 -1.46 -7.21
C ILE A 169 31.30 -1.41 -8.47
N ALA A 170 31.37 -2.46 -9.27
CA ALA A 170 30.52 -2.57 -10.45
C ALA A 170 29.11 -2.90 -10.00
N MET A 171 28.99 -3.89 -9.13
CA MET A 171 27.70 -4.28 -8.56
C MET A 171 27.03 -3.07 -7.91
N HIS A 172 27.79 -2.35 -7.07
CA HIS A 172 27.25 -1.16 -6.46
C HIS A 172 26.75 -0.22 -7.52
N VAL A 173 27.62 0.23 -8.40
CA VAL A 173 27.24 1.18 -9.46
C VAL A 173 25.91 0.81 -10.18
N ALA A 174 25.75 -0.48 -10.50
CA ALA A 174 24.55 -0.95 -11.18
C ALA A 174 23.31 -0.86 -10.30
N ALA A 175 23.52 -0.79 -8.99
CA ALA A 175 22.44 -0.59 -8.05
C ALA A 175 22.14 0.90 -7.88
N SER A 176 23.15 1.66 -7.49
CA SER A 176 22.91 3.04 -7.04
C SER A 176 23.05 4.13 -8.12
N LYS A 177 23.00 3.74 -9.39
CA LYS A 177 23.07 4.68 -10.51
C LYS A 177 23.80 6.00 -10.23
N PRO A 178 25.07 5.95 -9.78
CA PRO A 178 25.79 7.18 -9.45
C PRO A 178 26.06 8.03 -10.70
N GLU A 179 25.40 9.18 -10.81
CA GLU A 179 25.56 10.07 -11.97
C GLU A 179 26.93 10.78 -12.03
N PHE A 180 27.80 10.52 -11.06
CA PHE A 180 29.13 11.12 -11.02
C PHE A 180 30.11 10.20 -10.30
N ILE A 181 31.39 10.49 -10.45
CA ILE A 181 32.40 9.67 -9.78
C ILE A 181 32.76 10.31 -8.44
N LYS A 182 32.59 11.62 -8.34
CA LYS A 182 32.94 12.35 -7.12
C LYS A 182 32.02 13.53 -6.87
N PRO A 183 31.89 13.96 -5.61
CA PRO A 183 31.00 15.08 -5.29
C PRO A 183 31.42 16.33 -6.05
N GLU A 184 32.73 16.54 -6.19
CA GLU A 184 33.26 17.76 -6.80
C GLU A 184 33.15 17.75 -8.33
N ASP A 185 32.92 16.56 -8.87
CA ASP A 185 32.79 16.38 -10.33
C ASP A 185 31.65 17.17 -10.94
N VAL A 186 30.61 17.45 -10.16
CA VAL A 186 29.39 18.00 -10.73
C VAL A 186 29.64 19.34 -11.41
N SER A 187 28.95 19.55 -12.53
CA SER A 187 29.07 20.79 -13.29
C SER A 187 28.85 22.00 -12.39
N ALA A 188 29.92 22.74 -12.12
CA ALA A 188 29.82 23.98 -11.37
C ALA A 188 28.97 25.01 -12.13
N GLU A 189 28.10 24.50 -13.00
CA GLU A 189 27.07 25.29 -13.66
C GLU A 189 25.72 24.70 -13.29
N VAL A 190 25.60 23.38 -13.42
CA VAL A 190 24.40 22.65 -13.01
C VAL A 190 24.11 22.98 -11.55
N VAL A 191 25.14 23.45 -10.85
CA VAL A 191 25.04 23.74 -9.42
C VAL A 191 25.25 25.24 -9.08
N GLU A 192 26.04 25.96 -9.88
CA GLU A 192 26.16 27.41 -9.68
C GLU A 192 24.77 28.05 -9.81
N LYS A 193 23.92 27.42 -10.63
CA LYS A 193 22.55 27.90 -10.89
C LYS A 193 21.46 27.10 -10.17
N GLU A 194 21.83 25.94 -9.62
CA GLU A 194 20.90 25.12 -8.82
C GLU A 194 20.83 25.59 -7.36
N TYR A 195 21.85 26.36 -6.96
CA TYR A 195 21.91 27.00 -5.65
C TYR A 195 21.23 28.37 -5.74
N GLN A 196 20.89 28.77 -6.97
CA GLN A 196 20.24 30.06 -7.22
C GLN A 196 18.74 29.90 -7.41
N VAL A 197 18.28 28.66 -7.52
CA VAL A 197 16.85 28.37 -7.59
C VAL A 197 16.28 27.90 -6.24
N GLN A 198 17.08 27.16 -5.47
CA GLN A 198 16.67 26.72 -4.12
C GLN A 198 16.67 27.90 -3.15
N LEU A 199 17.59 28.84 -3.35
CA LEU A 199 17.71 30.04 -2.50
C LEU A 199 16.43 30.89 -2.57
N ASP A 200 15.60 30.64 -3.58
CA ASP A 200 14.30 31.30 -3.66
C ASP A 200 13.21 30.43 -3.00
N ILE A 201 13.27 29.12 -3.23
CA ILE A 201 12.38 28.17 -2.56
C ILE A 201 12.21 28.55 -1.08
N ALA A 202 13.28 29.05 -0.49
CA ALA A 202 13.37 29.22 0.95
C ALA A 202 13.40 30.68 1.43
N MET A 203 13.92 31.58 0.59
CA MET A 203 13.98 32.99 0.97
C MET A 203 12.61 33.66 0.88
N GLN A 204 11.70 33.04 0.12
CA GLN A 204 10.32 33.49 0.00
C GLN A 204 9.52 33.11 1.26
N SER A 205 9.95 32.04 1.93
CA SER A 205 9.35 31.57 3.19
C SER A 205 9.66 32.54 4.34
N GLY A 206 10.39 33.62 4.03
CA GLY A 206 10.71 34.66 5.00
C GLY A 206 12.06 34.49 5.69
N LYS A 207 12.77 33.39 5.41
CA LYS A 207 14.04 33.07 6.08
C LYS A 207 15.14 34.09 5.77
N PRO A 208 15.71 34.71 6.83
CA PRO A 208 16.90 35.56 6.81
C PRO A 208 18.03 35.05 5.92
N LYS A 209 18.83 35.98 5.41
CA LYS A 209 19.82 35.69 4.38
C LYS A 209 20.62 34.42 4.68
N GLU A 210 21.51 34.48 5.68
CA GLU A 210 22.39 33.34 5.94
C GLU A 210 21.62 32.05 6.23
N ILE A 211 20.49 32.15 6.95
CA ILE A 211 19.71 30.97 7.29
C ILE A 211 19.37 30.19 6.02
N ALA A 212 18.78 30.88 5.06
CA ALA A 212 18.45 30.23 3.80
C ALA A 212 19.71 29.74 3.07
N GLU A 213 20.76 30.56 3.05
CA GLU A 213 22.02 30.14 2.46
C GLU A 213 22.56 28.87 3.11
N LYS A 214 22.87 28.98 4.40
CA LYS A 214 23.32 27.87 5.23
C LYS A 214 22.49 26.64 4.91
N MET A 215 21.18 26.82 4.91
CA MET A 215 20.28 25.68 4.67
C MET A 215 20.43 25.11 3.27
N VAL A 216 20.34 25.97 2.25
CA VAL A 216 20.52 25.55 0.88
C VAL A 216 21.90 24.91 0.60
N GLU A 217 22.92 25.29 1.35
CA GLU A 217 24.25 24.73 1.13
C GLU A 217 24.30 23.30 1.60
N GLY A 218 23.93 23.08 2.86
CA GLY A 218 23.97 21.76 3.45
C GLY A 218 23.14 20.80 2.63
N ARG A 219 22.06 21.33 2.07
CA ARG A 219 21.13 20.54 1.26
C ARG A 219 21.61 20.31 -0.18
N MET A 220 22.36 21.28 -0.73
CA MET A 220 23.02 21.10 -2.03
C MET A 220 24.19 20.19 -1.86
N LYS A 221 24.81 20.26 -0.69
CA LYS A 221 25.93 19.39 -0.35
C LYS A 221 25.54 17.92 -0.38
N LYS A 222 24.30 17.61 0.02
CA LYS A 222 23.79 16.24 -0.04
C LYS A 222 23.31 15.91 -1.45
N PHE A 223 22.48 16.79 -1.99
CA PHE A 223 22.04 16.76 -3.40
C PHE A 223 23.14 16.32 -4.38
N THR A 224 24.39 16.36 -3.93
CA THR A 224 25.49 15.85 -4.74
C THR A 224 26.03 14.53 -4.19
N GLY A 225 26.45 14.54 -2.93
CA GLY A 225 27.05 13.35 -2.34
C GLY A 225 26.32 12.06 -2.68
N GLU A 226 24.99 12.12 -2.69
CA GLU A 226 24.14 10.94 -2.91
C GLU A 226 24.08 10.47 -4.37
N VAL A 227 24.15 11.43 -5.29
CA VAL A 227 24.16 11.13 -6.73
C VAL A 227 25.60 10.91 -7.21
N SER A 228 26.53 10.82 -6.27
CA SER A 228 27.93 10.68 -6.58
C SER A 228 28.53 9.45 -5.92
N LEU A 229 29.03 8.54 -6.75
CA LEU A 229 29.67 7.33 -6.27
C LEU A 229 30.41 7.51 -4.96
N THR A 230 31.05 8.66 -4.78
CA THR A 230 31.84 8.92 -3.58
C THR A 230 30.99 9.03 -2.31
N GLY A 231 30.02 9.96 -2.30
CA GLY A 231 29.12 10.13 -1.16
C GLY A 231 27.90 9.20 -1.15
N GLN A 232 28.10 7.97 -1.61
CA GLN A 232 27.06 6.95 -1.60
C GLN A 232 27.38 5.81 -0.65
N PRO A 233 26.43 5.46 0.24
CA PRO A 233 26.61 4.33 1.13
C PRO A 233 26.85 3.03 0.34
N PHE A 234 28.00 2.42 0.55
CA PHE A 234 28.34 1.20 -0.19
C PHE A 234 27.23 0.17 -0.09
N VAL A 235 26.74 -0.27 -1.23
CA VAL A 235 25.62 -1.18 -1.29
C VAL A 235 25.84 -2.54 -0.60
N MET A 236 27.09 -2.95 -0.43
CA MET A 236 27.37 -4.18 0.33
C MET A 236 27.81 -3.85 1.75
N GLU A 237 27.71 -2.57 2.09
CA GLU A 237 28.12 -2.08 3.40
C GLU A 237 27.68 -0.64 3.55
N PRO A 238 26.38 -0.44 3.77
CA PRO A 238 25.81 0.92 3.76
C PRO A 238 26.24 1.74 4.99
N SER A 239 26.72 1.05 6.01
CA SER A 239 27.36 1.70 7.14
C SER A 239 28.42 2.70 6.68
N LYS A 240 29.13 2.36 5.60
CA LYS A 240 30.17 3.25 5.07
C LYS A 240 29.99 3.51 3.57
N THR A 241 30.42 4.68 3.13
CA THR A 241 30.21 5.09 1.74
C THR A 241 31.33 4.60 0.84
N VAL A 242 31.04 4.52 -0.46
CA VAL A 242 32.04 4.19 -1.46
C VAL A 242 33.22 5.15 -1.34
N GLY A 243 32.93 6.44 -1.26
CA GLY A 243 33.97 7.42 -1.00
C GLY A 243 34.98 6.91 0.01
N GLN A 244 34.50 6.46 1.17
CA GLN A 244 35.37 5.94 2.21
C GLN A 244 35.87 4.51 1.93
N LEU A 245 35.08 3.73 1.20
CA LEU A 245 35.46 2.38 0.81
C LEU A 245 36.75 2.38 -0.04
N LEU A 246 36.87 3.40 -0.89
CA LEU A 246 38.06 3.62 -1.72
C LEU A 246 39.25 4.06 -0.87
N LYS A 247 39.24 5.33 -0.45
CA LYS A 247 40.29 5.91 0.38
C LYS A 247 40.80 4.94 1.46
N GLU A 248 39.95 4.01 1.85
CA GLU A 248 40.27 3.06 2.92
C GLU A 248 41.04 1.82 2.45
N HIS A 249 40.80 1.41 1.20
CA HIS A 249 41.42 0.21 0.66
C HIS A 249 42.83 0.44 0.15
N ASN A 250 42.96 1.46 -0.69
CA ASN A 250 44.24 1.96 -1.20
C ASN A 250 44.02 2.61 -2.56
N ALA A 251 42.86 2.32 -3.15
CA ALA A 251 42.60 2.66 -4.54
C ALA A 251 41.72 3.89 -4.74
N GLU A 252 41.46 4.18 -6.01
CA GLU A 252 40.46 5.15 -6.43
C GLU A 252 39.90 4.73 -7.78
N VAL A 253 38.89 5.45 -8.26
CA VAL A 253 38.18 5.02 -9.44
C VAL A 253 38.32 6.08 -10.51
N THR A 254 38.70 5.65 -11.71
CA THR A 254 38.97 6.58 -12.80
C THR A 254 37.73 6.87 -13.63
N GLY A 255 36.88 5.85 -13.78
CA GLY A 255 35.63 6.02 -14.52
C GLY A 255 34.67 4.84 -14.46
N PHE A 256 33.44 5.11 -14.89
CA PHE A 256 32.44 4.06 -14.98
C PHE A 256 31.41 4.42 -16.05
N ILE A 257 30.91 3.40 -16.74
CA ILE A 257 29.75 3.56 -17.60
C ILE A 257 28.69 2.63 -17.05
N ARG A 258 27.43 3.06 -17.01
CA ARG A 258 26.33 2.17 -16.67
C ARG A 258 25.18 2.32 -17.65
N PHE A 259 24.84 1.21 -18.30
CA PHE A 259 23.78 1.20 -19.31
C PHE A 259 22.58 0.39 -18.83
N GLU A 260 21.39 0.89 -19.09
CA GLU A 260 20.18 0.12 -18.79
C GLU A 260 19.23 0.08 -19.98
N VAL A 261 18.95 -1.12 -20.45
CA VAL A 261 18.04 -1.32 -21.57
C VAL A 261 16.84 -0.38 -21.55
N GLY A 262 16.72 0.46 -22.58
CA GLY A 262 15.54 1.27 -22.76
C GLY A 262 15.54 2.61 -22.05
N GLU A 263 16.63 2.95 -21.38
CA GLU A 263 16.77 4.27 -20.77
C GLU A 263 16.37 5.40 -21.72
N GLY A 264 15.53 6.32 -21.24
CA GLY A 264 15.05 7.42 -22.05
C GLY A 264 14.56 7.01 -23.42
N ILE A 265 13.48 6.24 -23.45
CA ILE A 265 12.86 5.87 -24.73
C ILE A 265 11.45 6.41 -24.74
N GLU A 266 10.60 5.81 -23.91
CA GLU A 266 9.19 6.19 -23.73
C GLU A 266 8.40 4.96 -23.30
N LYS A 267 8.50 3.89 -24.08
CA LYS A 267 7.81 2.64 -23.78
C LYS A 267 6.30 2.88 -23.82
N VAL A 268 5.92 4.05 -24.32
CA VAL A 268 4.53 4.52 -24.34
C VAL A 268 3.48 3.50 -23.91
N GLU A 269 2.99 3.66 -22.68
CA GLU A 269 2.00 2.77 -22.07
C GLU A 269 1.08 2.01 -23.05
N THR A 270 0.96 0.71 -22.83
CA THR A 270 0.06 -0.13 -23.62
C THR A 270 -1.04 -0.72 -22.75
N ASP A 271 -2.21 -0.08 -22.74
CA ASP A 271 -3.36 -0.58 -22.01
C ASP A 271 -4.13 -1.57 -22.88
N PHE A 272 -4.09 -2.85 -22.50
CA PHE A 272 -4.73 -3.90 -23.28
C PHE A 272 -6.26 -3.85 -23.26
N ALA A 273 -6.83 -3.28 -22.20
CA ALA A 273 -8.29 -3.30 -22.01
C ALA A 273 -9.07 -2.53 -23.07
N ALA A 274 -9.13 -1.21 -22.93
CA ALA A 274 -9.89 -0.38 -23.87
C ALA A 274 -9.36 -0.53 -25.28
N GLU A 275 -8.19 -1.17 -25.38
CA GLU A 275 -7.60 -1.47 -26.68
C GLU A 275 -8.48 -2.41 -27.49
N VAL A 276 -8.97 -3.46 -26.84
CA VAL A 276 -9.88 -4.38 -27.49
C VAL A 276 -11.09 -3.59 -27.93
N ALA A 277 -11.58 -2.75 -27.02
CA ALA A 277 -12.75 -1.92 -27.29
C ALA A 277 -12.48 -1.04 -28.50
N ALA A 278 -11.23 -0.63 -28.68
CA ALA A 278 -10.83 0.24 -29.79
C ALA A 278 -11.09 -0.38 -31.17
N MET A 279 -10.69 -1.64 -31.34
CA MET A 279 -10.90 -2.34 -32.60
C MET A 279 -12.34 -2.80 -32.76
N SER A 280 -13.00 -3.02 -31.62
CA SER A 280 -14.37 -3.52 -31.60
C SER A 280 -15.41 -2.45 -31.95
N LYS A 281 -15.18 -1.21 -31.49
CA LYS A 281 -16.12 -0.13 -31.68
C LYS A 281 -16.42 0.10 -33.16
N GLN A 282 -15.50 -0.31 -34.00
CA GLN A 282 -15.70 -0.19 -35.45
C GLN A 282 -16.76 -1.17 -35.94
N SER A 283 -16.98 -2.25 -35.17
CA SER A 283 -18.02 -3.22 -35.49
C SER A 283 -19.08 -3.36 -34.37
N HIS A 284 -19.21 -2.34 -33.55
CA HIS A 284 -20.37 -2.21 -32.66
C HIS A 284 -21.31 -1.26 -33.37
N MET A 285 -20.73 -0.40 -34.20
CA MET A 285 -21.48 0.54 -35.02
C MET A 285 -22.64 -0.17 -35.71
N SER A 286 -22.36 -1.34 -36.28
CA SER A 286 -23.33 -2.07 -37.10
C SER A 286 -23.82 -3.37 -36.46
N PHE A 290 -29.98 -15.45 -11.86
CA PHE A 290 -29.98 -16.71 -12.61
C PHE A 290 -28.84 -17.64 -12.17
N GLU A 291 -28.09 -18.14 -13.15
CA GLU A 291 -26.94 -19.01 -12.90
C GLU A 291 -25.63 -18.22 -12.93
N ARG A 292 -25.15 -17.83 -11.76
CA ARG A 292 -23.91 -17.08 -11.66
C ARG A 292 -22.83 -17.93 -10.98
N THR A 293 -23.24 -19.11 -10.52
CA THR A 293 -22.32 -20.08 -9.93
C THR A 293 -21.24 -20.49 -10.94
N LYS A 294 -21.51 -20.24 -12.22
CA LYS A 294 -20.68 -20.76 -13.32
C LYS A 294 -19.19 -20.54 -13.13
N PRO A 295 -18.39 -21.54 -13.55
CA PRO A 295 -16.93 -21.51 -13.40
C PRO A 295 -16.30 -20.27 -14.02
N HIS A 296 -15.23 -19.79 -13.40
CA HIS A 296 -14.51 -18.61 -13.86
C HIS A 296 -13.13 -19.04 -14.31
N VAL A 297 -12.91 -19.06 -15.62
CA VAL A 297 -11.63 -19.50 -16.18
C VAL A 297 -10.72 -18.35 -16.63
N ASN A 298 -9.43 -18.48 -16.35
CA ASN A 298 -8.46 -17.50 -16.82
C ASN A 298 -7.66 -18.03 -17.99
N VAL A 299 -7.60 -17.23 -19.05
CA VAL A 299 -6.80 -17.58 -20.19
C VAL A 299 -5.88 -16.42 -20.47
N GLY A 300 -4.85 -16.69 -21.27
CA GLY A 300 -3.94 -15.67 -21.68
C GLY A 300 -3.71 -15.82 -23.15
N THR A 301 -3.30 -14.74 -23.78
CA THR A 301 -3.00 -14.77 -25.19
C THR A 301 -1.51 -14.46 -25.30
N ILE A 302 -0.80 -15.24 -26.09
CA ILE A 302 0.65 -15.08 -26.19
C ILE A 302 1.08 -15.43 -27.60
N GLY A 303 1.72 -14.49 -28.30
CA GLY A 303 2.26 -14.76 -29.63
C GLY A 303 3.07 -13.58 -30.15
N HIS A 304 3.23 -13.43 -31.46
CA HIS A 304 4.02 -12.34 -32.02
C HIS A 304 3.24 -11.01 -32.09
N VAL A 305 3.90 -9.88 -31.83
CA VAL A 305 3.26 -8.56 -31.64
C VAL A 305 1.88 -8.33 -32.28
N ASP A 306 1.84 -8.17 -33.59
CA ASP A 306 0.56 -7.98 -34.24
C ASP A 306 0.37 -9.10 -35.26
N HIS A 307 0.58 -10.32 -34.79
CA HIS A 307 0.23 -11.51 -35.56
C HIS A 307 -1.28 -11.66 -35.49
N GLY A 308 -1.92 -10.73 -34.79
CA GLY A 308 -3.37 -10.67 -34.72
C GLY A 308 -3.85 -10.86 -33.30
N LYS A 309 -2.92 -11.10 -32.39
CA LYS A 309 -3.22 -11.42 -31.00
C LYS A 309 -4.18 -10.40 -30.41
N THR A 310 -3.91 -9.15 -30.72
CA THR A 310 -4.75 -8.03 -30.35
C THR A 310 -6.12 -8.16 -31.00
N THR A 311 -6.12 -8.38 -32.30
CA THR A 311 -7.34 -8.48 -33.08
C THR A 311 -8.16 -9.71 -32.71
N LEU A 312 -7.48 -10.78 -32.31
CA LEU A 312 -8.18 -12.04 -32.05
C LEU A 312 -8.97 -12.03 -30.77
N THR A 313 -8.39 -11.43 -29.74
CA THR A 313 -9.13 -11.31 -28.50
C THR A 313 -10.23 -10.27 -28.69
N ALA A 314 -10.04 -9.41 -29.70
CA ALA A 314 -11.07 -8.47 -30.12
C ALA A 314 -12.17 -9.21 -30.88
N ALA A 315 -11.78 -10.10 -31.78
CA ALA A 315 -12.74 -10.96 -32.46
C ALA A 315 -13.42 -11.93 -31.50
N ILE A 316 -12.66 -12.45 -30.54
CA ILE A 316 -13.23 -13.36 -29.56
C ILE A 316 -14.43 -12.68 -28.93
N THR A 317 -14.21 -11.49 -28.39
CA THR A 317 -15.25 -10.76 -27.67
C THR A 317 -16.52 -10.52 -28.49
N THR A 318 -16.36 -9.95 -29.69
CA THR A 318 -17.53 -9.57 -30.50
C THR A 318 -18.34 -10.79 -30.94
N VAL A 319 -17.70 -11.70 -31.66
CA VAL A 319 -18.37 -12.89 -32.16
C VAL A 319 -19.16 -13.62 -31.06
N LEU A 320 -18.66 -13.55 -29.82
CA LEU A 320 -19.32 -14.16 -28.68
C LEU A 320 -20.58 -13.38 -28.32
N ALA A 321 -20.52 -12.06 -28.45
CA ALA A 321 -21.69 -11.23 -28.22
C ALA A 321 -22.72 -11.43 -29.33
N LYS A 322 -22.26 -11.38 -30.59
CA LYS A 322 -23.13 -11.55 -31.75
C LYS A 322 -23.93 -12.86 -31.67
N THR A 323 -23.41 -13.82 -30.90
CA THR A 323 -24.12 -15.07 -30.65
C THR A 323 -24.79 -15.06 -29.29
N TYR A 324 -24.08 -15.57 -28.28
CA TYR A 324 -24.62 -15.66 -26.93
C TYR A 324 -24.83 -14.29 -26.27
N GLY A 325 -25.61 -14.27 -25.19
CA GLY A 325 -25.88 -13.04 -24.48
C GLY A 325 -24.90 -12.79 -23.34
N GLY A 326 -23.78 -12.16 -23.65
CA GLY A 326 -22.76 -11.87 -22.66
C GLY A 326 -21.39 -11.64 -23.25
N ASN A 348 -5.94 -9.79 -13.10
CA ASN A 348 -6.04 -8.34 -12.94
C ASN A 348 -5.10 -7.57 -13.87
N THR A 349 -4.92 -6.28 -13.57
CA THR A 349 -4.08 -5.39 -14.36
C THR A 349 -4.44 -5.41 -15.85
N SER A 350 -5.58 -4.80 -16.17
CA SER A 350 -6.08 -4.68 -17.54
C SER A 350 -6.41 -6.03 -18.17
N HIS A 351 -7.70 -6.35 -18.22
CA HIS A 351 -8.16 -7.64 -18.72
C HIS A 351 -9.57 -7.59 -19.28
N VAL A 352 -9.79 -8.32 -20.37
CA VAL A 352 -11.09 -8.37 -21.02
C VAL A 352 -11.82 -9.68 -20.74
N GLU A 353 -13.10 -9.62 -20.39
CA GLU A 353 -13.86 -10.85 -20.18
C GLU A 353 -14.91 -11.07 -21.26
N TYR A 354 -15.34 -12.33 -21.37
CA TYR A 354 -16.39 -12.73 -22.30
C TYR A 354 -16.94 -14.09 -21.90
N ASP A 355 -18.14 -14.40 -22.38
CA ASP A 355 -18.91 -15.50 -21.82
C ASP A 355 -19.24 -16.62 -22.81
N THR A 356 -19.45 -17.81 -22.26
CA THR A 356 -19.93 -18.98 -22.99
C THR A 356 -21.20 -19.48 -22.31
N PRO A 357 -22.14 -20.06 -23.08
CA PRO A 357 -23.32 -20.68 -22.47
C PRO A 357 -22.94 -21.44 -21.20
N THR A 358 -21.74 -21.99 -21.16
CA THR A 358 -21.31 -22.74 -20.00
C THR A 358 -20.47 -21.93 -19.01
N ARG A 359 -19.31 -21.46 -19.42
CA ARG A 359 -18.37 -20.86 -18.46
C ARG A 359 -18.00 -19.41 -18.73
N HIS A 360 -17.30 -18.80 -17.79
CA HIS A 360 -16.89 -17.40 -17.93
C HIS A 360 -15.37 -17.23 -18.01
N TYR A 361 -14.93 -16.43 -18.96
CA TYR A 361 -13.50 -16.28 -19.21
C TYR A 361 -12.99 -14.90 -18.87
N ALA A 362 -11.77 -14.85 -18.37
CA ALA A 362 -11.04 -13.60 -18.20
C ALA A 362 -9.74 -13.76 -18.96
N HIS A 363 -9.44 -12.81 -19.84
CA HIS A 363 -8.36 -12.99 -20.79
C HIS A 363 -7.28 -11.94 -20.60
N VAL A 364 -6.02 -12.37 -20.55
CA VAL A 364 -4.91 -11.43 -20.42
C VAL A 364 -3.96 -11.54 -21.60
N ASP A 365 -3.10 -10.54 -21.75
CA ASP A 365 -2.05 -10.57 -22.76
C ASP A 365 -0.71 -10.76 -22.07
N CYS A 366 0.18 -11.54 -22.67
CA CYS A 366 1.52 -11.77 -22.12
C CYS A 366 2.57 -11.06 -22.96
N PRO A 367 2.60 -9.72 -22.89
CA PRO A 367 3.51 -8.93 -23.72
C PRO A 367 4.96 -9.14 -23.31
N GLY A 368 5.18 -9.45 -22.05
CA GLY A 368 6.53 -9.68 -21.55
C GLY A 368 6.71 -11.00 -20.84
N HIS A 369 7.93 -11.51 -20.87
CA HIS A 369 8.26 -12.69 -20.11
C HIS A 369 8.35 -12.24 -18.66
N ALA A 370 9.47 -11.59 -18.37
CA ALA A 370 9.74 -11.06 -17.04
C ALA A 370 8.52 -10.33 -16.45
N ASP A 371 7.66 -9.82 -17.31
CA ASP A 371 6.48 -9.13 -16.83
C ASP A 371 5.35 -10.10 -16.52
N TYR A 372 5.28 -11.21 -17.24
CA TYR A 372 4.25 -12.19 -16.94
C TYR A 372 4.57 -12.94 -15.65
N VAL A 373 5.81 -13.37 -15.52
CA VAL A 373 6.25 -14.05 -14.32
C VAL A 373 5.90 -13.21 -13.10
N LYS A 374 6.31 -11.95 -13.11
CA LYS A 374 5.94 -11.03 -12.06
C LYS A 374 4.47 -11.19 -11.75
N ASN A 375 3.61 -10.98 -12.73
CA ASN A 375 2.16 -11.05 -12.51
C ASN A 375 1.66 -12.43 -12.07
N MET A 376 2.49 -13.44 -12.21
CA MET A 376 2.09 -14.81 -11.88
C MET A 376 2.58 -15.23 -10.49
N ILE A 377 3.76 -14.76 -10.10
CA ILE A 377 4.24 -14.97 -8.74
C ILE A 377 3.42 -14.13 -7.77
N THR A 378 3.08 -12.93 -8.23
CA THR A 378 2.40 -11.94 -7.45
C THR A 378 0.92 -12.26 -7.33
N GLY A 379 0.46 -13.25 -8.11
CA GLY A 379 -0.92 -13.68 -8.05
C GLY A 379 -1.89 -12.81 -8.85
N ALA A 380 -1.41 -11.67 -9.33
CA ALA A 380 -2.25 -10.71 -10.04
C ALA A 380 -2.86 -11.26 -11.33
N ALA A 381 -2.22 -12.26 -11.91
CA ALA A 381 -2.72 -12.87 -13.14
C ALA A 381 -2.27 -14.33 -13.34
N GLN A 382 -3.08 -15.26 -12.86
CA GLN A 382 -2.80 -16.69 -13.00
C GLN A 382 -3.39 -17.22 -14.30
N MET A 383 -2.74 -18.22 -14.86
CA MET A 383 -3.18 -18.78 -16.13
C MET A 383 -3.75 -20.16 -15.92
N ASP A 384 -4.88 -20.42 -16.57
CA ASP A 384 -5.48 -21.74 -16.57
C ASP A 384 -5.18 -22.42 -17.90
N GLY A 385 -5.07 -21.61 -18.95
CA GLY A 385 -4.76 -22.09 -20.28
C GLY A 385 -4.37 -20.94 -21.18
N ALA A 386 -3.19 -21.03 -21.78
CA ALA A 386 -2.76 -20.03 -22.74
C ALA A 386 -3.41 -20.33 -24.07
N ILE A 387 -3.55 -19.32 -24.90
CA ILE A 387 -3.82 -19.54 -26.30
C ILE A 387 -2.72 -18.86 -27.09
N LEU A 388 -1.93 -19.67 -27.77
CA LEU A 388 -0.83 -19.16 -28.58
C LEU A 388 -1.37 -18.67 -29.91
N VAL A 389 -0.91 -17.49 -30.31
CA VAL A 389 -1.40 -16.85 -31.51
C VAL A 389 -0.27 -16.74 -32.52
N VAL A 390 -0.43 -17.37 -33.67
CA VAL A 390 0.55 -17.26 -34.72
C VAL A 390 -0.14 -17.01 -36.06
N ALA A 391 0.37 -16.04 -36.83
CA ALA A 391 -0.21 -15.75 -38.13
C ALA A 391 0.34 -16.71 -39.18
N ALA A 392 -0.57 -17.27 -39.98
CA ALA A 392 -0.20 -18.33 -40.92
C ALA A 392 0.62 -17.83 -42.13
N THR A 393 0.66 -16.52 -42.34
CA THR A 393 1.37 -15.94 -43.46
C THR A 393 2.86 -15.79 -43.18
N ASP A 394 3.22 -15.85 -41.90
CA ASP A 394 4.61 -15.76 -41.52
C ASP A 394 5.04 -17.04 -40.84
N GLY A 395 4.06 -17.73 -40.25
CA GLY A 395 4.33 -18.91 -39.45
C GLY A 395 5.12 -18.58 -38.19
N PRO A 396 5.46 -19.61 -37.42
CA PRO A 396 6.34 -19.37 -36.28
C PRO A 396 7.49 -18.43 -36.66
N MET A 397 7.73 -17.44 -35.81
CA MET A 397 8.91 -16.60 -35.91
C MET A 397 9.96 -17.22 -34.99
N PRO A 398 11.26 -16.98 -35.25
CA PRO A 398 12.29 -17.66 -34.43
C PRO A 398 11.97 -17.59 -32.94
N GLN A 399 11.37 -16.47 -32.53
CA GLN A 399 11.10 -16.18 -31.12
C GLN A 399 9.87 -16.89 -30.57
N THR A 400 9.17 -17.65 -31.41
CA THR A 400 8.03 -18.43 -30.92
C THR A 400 8.52 -19.57 -30.01
N ARG A 401 9.76 -20.00 -30.22
CA ARG A 401 10.38 -20.95 -29.31
C ARG A 401 10.26 -20.42 -27.89
N GLU A 402 10.53 -19.13 -27.74
CA GLU A 402 10.60 -18.50 -26.43
C GLU A 402 9.20 -18.26 -25.85
N HIS A 403 8.18 -18.25 -26.71
CA HIS A 403 6.81 -18.14 -26.23
C HIS A 403 6.38 -19.43 -25.53
N ILE A 404 6.51 -20.55 -26.23
CA ILE A 404 6.16 -21.83 -25.64
C ILE A 404 7.00 -22.01 -24.39
N LEU A 405 8.18 -21.41 -24.42
CA LEU A 405 9.08 -21.51 -23.29
C LEU A 405 8.43 -20.89 -22.06
N LEU A 406 7.95 -19.67 -22.21
CA LEU A 406 7.32 -18.95 -21.12
C LEU A 406 6.25 -19.82 -20.48
N GLY A 407 5.32 -20.31 -21.28
CA GLY A 407 4.28 -21.17 -20.78
C GLY A 407 4.87 -22.39 -20.10
N ARG A 408 5.98 -22.87 -20.66
CA ARG A 408 6.64 -24.01 -20.08
C ARG A 408 7.16 -23.64 -18.70
N GLN A 409 7.90 -22.54 -18.62
CA GLN A 409 8.45 -22.05 -17.36
C GLN A 409 7.39 -21.80 -16.29
N VAL A 410 6.46 -20.89 -16.57
CA VAL A 410 5.36 -20.61 -15.65
C VAL A 410 4.48 -21.84 -15.45
N GLY A 411 4.71 -22.88 -16.26
CA GLY A 411 3.93 -24.10 -16.16
C GLY A 411 2.45 -23.90 -16.43
N VAL A 412 2.12 -23.32 -17.58
CA VAL A 412 0.73 -23.20 -17.99
C VAL A 412 0.23 -24.60 -18.38
N PRO A 413 -0.82 -25.06 -17.73
CA PRO A 413 -1.22 -26.47 -17.92
C PRO A 413 -1.51 -26.84 -19.37
N TYR A 414 -2.34 -26.04 -20.07
CA TYR A 414 -2.72 -26.34 -21.45
C TYR A 414 -2.54 -25.16 -22.40
N ILE A 415 -2.14 -25.47 -23.64
CA ILE A 415 -2.00 -24.45 -24.66
C ILE A 415 -2.87 -24.78 -25.86
N ILE A 416 -3.72 -23.84 -26.23
CA ILE A 416 -4.53 -23.92 -27.44
C ILE A 416 -3.89 -23.00 -28.46
N VAL A 417 -4.10 -23.28 -29.73
CA VAL A 417 -3.44 -22.49 -30.78
C VAL A 417 -4.38 -21.95 -31.86
N PHE A 418 -4.23 -20.66 -32.15
CA PHE A 418 -4.99 -20.01 -33.20
C PHE A 418 -4.08 -19.57 -34.35
N LEU A 419 -4.27 -20.18 -35.51
CA LEU A 419 -3.59 -19.71 -36.71
C LEU A 419 -4.37 -18.51 -37.24
N ASN A 420 -3.73 -17.35 -37.26
CA ASN A 420 -4.42 -16.14 -37.68
C ASN A 420 -4.16 -15.77 -39.14
N LYS A 421 -5.12 -15.04 -39.71
CA LYS A 421 -5.04 -14.55 -41.08
C LYS A 421 -4.66 -15.65 -42.07
N CYS A 422 -5.54 -16.63 -42.23
CA CYS A 422 -5.34 -17.76 -43.15
C CYS A 422 -5.79 -17.43 -44.56
N ASP A 423 -6.86 -16.66 -44.67
CA ASP A 423 -7.43 -16.28 -45.97
C ASP A 423 -6.35 -15.83 -46.95
N MET A 424 -5.25 -15.31 -46.43
CA MET A 424 -4.16 -14.83 -47.26
C MET A 424 -3.09 -15.91 -47.48
N VAL A 425 -3.54 -17.16 -47.54
CA VAL A 425 -2.70 -18.31 -47.91
C VAL A 425 -3.55 -19.32 -48.68
N ASP A 426 -3.62 -19.17 -50.01
CA ASP A 426 -4.54 -19.99 -50.79
C ASP A 426 -4.19 -21.48 -50.80
N ASP A 427 -2.93 -21.80 -51.06
CA ASP A 427 -2.53 -23.21 -51.06
C ASP A 427 -2.77 -23.75 -49.66
N GLU A 428 -3.85 -24.53 -49.53
CA GLU A 428 -4.25 -25.09 -48.25
C GLU A 428 -3.20 -26.08 -47.77
N GLU A 429 -2.18 -26.29 -48.58
CA GLU A 429 -1.10 -27.21 -48.26
C GLU A 429 -0.16 -26.56 -47.26
N LEU A 430 -0.17 -25.23 -47.25
CA LEU A 430 0.71 -24.45 -46.38
C LEU A 430 0.12 -24.29 -44.99
N LEU A 431 -1.21 -24.24 -44.91
CA LEU A 431 -1.88 -24.26 -43.62
C LEU A 431 -1.45 -25.54 -42.93
N GLU A 432 -1.73 -26.68 -43.56
CA GLU A 432 -1.35 -27.96 -42.99
C GLU A 432 0.15 -28.03 -42.76
N LEU A 433 0.86 -27.05 -43.32
CA LEU A 433 2.32 -26.98 -43.19
C LEU A 433 2.75 -26.29 -41.90
N VAL A 434 2.46 -24.99 -41.77
CA VAL A 434 2.72 -24.29 -40.53
C VAL A 434 2.11 -25.06 -39.37
N GLU A 435 0.86 -25.48 -39.50
CA GLU A 435 0.24 -26.30 -38.46
C GLU A 435 1.21 -27.39 -38.01
N MET A 436 1.91 -27.99 -38.96
CA MET A 436 2.84 -29.05 -38.60
C MET A 436 4.13 -28.51 -38.02
N GLU A 437 4.60 -27.41 -38.59
CA GLU A 437 5.74 -26.68 -38.03
C GLU A 437 5.49 -26.44 -36.54
N VAL A 438 4.42 -25.72 -36.23
CA VAL A 438 4.06 -25.38 -34.86
C VAL A 438 4.00 -26.61 -33.96
N ARG A 439 3.27 -27.63 -34.40
CA ARG A 439 3.13 -28.86 -33.62
C ARG A 439 4.48 -29.48 -33.25
N GLU A 440 5.52 -29.14 -34.00
CA GLU A 440 6.87 -29.58 -33.66
C GLU A 440 7.43 -28.77 -32.50
N LEU A 441 7.54 -27.46 -32.70
CA LEU A 441 8.03 -26.58 -31.64
C LEU A 441 7.36 -26.91 -30.31
N LEU A 442 6.04 -27.07 -30.32
CA LEU A 442 5.31 -27.36 -29.09
C LEU A 442 5.91 -28.50 -28.27
N SER A 443 6.11 -29.67 -28.90
CA SER A 443 6.53 -30.85 -28.15
C SER A 443 8.04 -30.84 -27.88
N GLN A 444 8.73 -29.85 -28.44
CA GLN A 444 10.13 -29.61 -28.12
C GLN A 444 10.23 -29.08 -26.68
N TYR A 445 9.09 -28.64 -26.14
CA TYR A 445 9.02 -28.19 -24.76
C TYR A 445 7.94 -28.95 -23.99
N ASP A 446 7.80 -30.24 -24.31
CA ASP A 446 7.03 -31.20 -23.52
C ASP A 446 5.53 -30.94 -23.43
N PHE A 447 5.00 -30.04 -24.26
CA PHE A 447 3.56 -29.89 -24.40
C PHE A 447 3.06 -30.96 -25.37
N PRO A 448 1.79 -31.39 -25.23
CA PRO A 448 1.29 -32.44 -26.14
C PRO A 448 0.94 -31.90 -27.55
N GLY A 449 1.95 -31.65 -28.37
CA GLY A 449 1.79 -30.97 -29.64
C GLY A 449 1.08 -31.75 -30.73
N ASP A 450 0.91 -33.06 -30.51
CA ASP A 450 0.25 -33.91 -31.50
C ASP A 450 -1.23 -33.89 -31.24
N ASP A 451 -1.62 -34.00 -29.98
CA ASP A 451 -3.02 -34.12 -29.63
C ASP A 451 -3.65 -32.78 -29.17
N THR A 452 -3.04 -31.66 -29.58
CA THR A 452 -3.52 -30.32 -29.21
C THR A 452 -4.33 -29.58 -30.30
N PRO A 453 -5.48 -29.01 -29.90
CA PRO A 453 -6.36 -28.35 -30.87
C PRO A 453 -5.71 -27.14 -31.51
N ILE A 454 -5.93 -26.98 -32.81
CA ILE A 454 -5.42 -25.84 -33.54
C ILE A 454 -6.44 -25.35 -34.56
N VAL A 455 -7.10 -24.24 -34.27
CA VAL A 455 -8.08 -23.70 -35.22
C VAL A 455 -7.35 -22.91 -36.28
N ARG A 456 -7.86 -23.01 -37.50
CA ARG A 456 -7.35 -22.22 -38.62
C ARG A 456 -8.38 -21.16 -38.98
N GLY A 457 -8.05 -19.89 -38.74
CA GLY A 457 -9.01 -18.84 -38.98
C GLY A 457 -8.41 -17.46 -39.13
N SER A 458 -9.28 -16.46 -39.23
CA SER A 458 -8.85 -15.06 -39.31
C SER A 458 -9.70 -14.19 -38.42
N ALA A 459 -9.04 -13.35 -37.63
CA ALA A 459 -9.74 -12.43 -36.73
C ALA A 459 -10.20 -11.23 -37.53
N LEU A 460 -9.38 -10.88 -38.52
CA LEU A 460 -9.61 -9.69 -39.33
C LEU A 460 -11.04 -9.67 -39.87
N LYS A 461 -11.42 -10.69 -40.65
CA LYS A 461 -12.77 -10.79 -41.20
C LYS A 461 -13.80 -11.36 -40.22
N ALA A 462 -13.34 -11.81 -39.06
CA ALA A 462 -14.26 -12.24 -38.01
C ALA A 462 -14.97 -11.01 -37.46
N LEU A 463 -14.22 -9.91 -37.40
CA LEU A 463 -14.76 -8.63 -36.99
C LEU A 463 -15.78 -8.17 -38.01
N GLU A 464 -15.40 -8.31 -39.27
CA GLU A 464 -16.23 -7.88 -40.40
C GLU A 464 -17.42 -8.82 -40.64
N GLY A 465 -17.98 -9.35 -39.55
CA GLY A 465 -19.23 -10.09 -39.58
C GLY A 465 -19.27 -11.33 -40.47
N ASP A 466 -18.13 -11.64 -41.08
CA ASP A 466 -18.01 -12.72 -42.07
C ASP A 466 -18.27 -14.13 -41.48
N ALA A 467 -19.51 -14.59 -41.55
CA ALA A 467 -19.94 -15.84 -40.92
C ALA A 467 -19.03 -17.05 -41.17
N GLU A 468 -18.35 -17.06 -42.31
CA GLU A 468 -17.43 -18.13 -42.65
C GLU A 468 -16.32 -18.18 -41.62
N TRP A 469 -15.72 -17.03 -41.34
CA TRP A 469 -14.67 -16.95 -40.34
C TRP A 469 -15.24 -16.59 -38.97
N GLU A 470 -16.50 -16.17 -38.91
CA GLU A 470 -17.17 -15.96 -37.63
C GLU A 470 -17.20 -17.31 -36.90
N ALA A 471 -17.49 -18.36 -37.64
CA ALA A 471 -17.62 -19.70 -37.06
C ALA A 471 -16.28 -20.27 -36.56
N LYS A 472 -15.16 -19.79 -37.12
CA LYS A 472 -13.85 -20.21 -36.65
C LYS A 472 -13.62 -19.73 -35.22
N ILE A 473 -13.98 -18.48 -34.96
CA ILE A 473 -13.90 -17.98 -33.59
C ILE A 473 -14.71 -18.87 -32.67
N LEU A 474 -15.97 -19.09 -33.02
CA LEU A 474 -16.85 -19.96 -32.24
C LEU A 474 -16.22 -21.32 -31.97
N GLU A 475 -15.29 -21.71 -32.84
CA GLU A 475 -14.63 -23.00 -32.75
C GLU A 475 -13.57 -22.98 -31.67
N LEU A 476 -12.61 -22.07 -31.80
CA LEU A 476 -11.61 -21.85 -30.77
C LEU A 476 -12.28 -21.81 -29.41
N ALA A 477 -13.34 -21.02 -29.30
CA ALA A 477 -14.11 -20.93 -28.07
C ALA A 477 -14.55 -22.31 -27.63
N GLY A 478 -15.21 -23.03 -28.53
CA GLY A 478 -15.69 -24.38 -28.26
C GLY A 478 -14.62 -25.23 -27.62
N PHE A 479 -13.36 -24.86 -27.84
CA PHE A 479 -12.23 -25.53 -27.24
C PHE A 479 -11.91 -25.02 -25.83
N LEU A 480 -11.84 -23.70 -25.67
CA LEU A 480 -11.70 -23.11 -24.35
C LEU A 480 -12.66 -23.83 -23.41
N ASP A 481 -13.73 -24.37 -23.99
CA ASP A 481 -14.74 -25.07 -23.23
C ASP A 481 -14.33 -26.52 -22.89
N SER A 482 -13.70 -27.20 -23.83
CA SER A 482 -13.49 -28.65 -23.70
C SER A 482 -12.07 -29.07 -23.34
N TYR A 483 -11.07 -28.35 -23.85
CA TYR A 483 -9.65 -28.67 -23.64
C TYR A 483 -9.06 -28.03 -22.37
N ILE A 484 -9.53 -26.84 -22.00
CA ILE A 484 -9.17 -26.25 -20.72
C ILE A 484 -10.22 -26.69 -19.72
N PRO A 485 -9.85 -27.62 -18.83
CA PRO A 485 -10.81 -28.30 -17.95
C PRO A 485 -11.34 -27.40 -16.83
N GLU A 486 -12.57 -27.70 -16.39
CA GLU A 486 -13.21 -26.97 -15.32
C GLU A 486 -12.29 -26.92 -14.10
N PRO A 487 -11.90 -25.71 -13.67
CA PRO A 487 -10.96 -25.57 -12.55
C PRO A 487 -11.57 -26.07 -11.22
N GLU A 488 -10.91 -27.05 -10.61
CA GLU A 488 -11.37 -27.69 -9.38
C GLU A 488 -11.81 -26.64 -8.37
N ARG A 489 -13.07 -26.76 -7.93
CA ARG A 489 -13.66 -25.79 -7.02
C ARG A 489 -13.17 -25.96 -5.58
N ALA A 490 -13.04 -24.85 -4.85
CA ALA A 490 -12.55 -24.88 -3.48
C ALA A 490 -13.36 -25.87 -2.65
N ILE A 491 -14.68 -25.80 -2.74
CA ILE A 491 -15.53 -26.68 -1.97
C ILE A 491 -15.17 -28.15 -2.18
N ASP A 492 -14.49 -28.45 -3.28
CA ASP A 492 -14.25 -29.85 -3.67
C ASP A 492 -12.91 -30.43 -3.22
N LYS A 493 -11.98 -29.57 -2.85
CA LYS A 493 -10.69 -30.02 -2.35
C LYS A 493 -10.86 -30.54 -0.91
N PRO A 494 -9.79 -31.11 -0.31
CA PRO A 494 -9.83 -31.64 1.06
C PRO A 494 -9.78 -30.55 2.14
N PHE A 495 -10.75 -30.58 3.04
CA PHE A 495 -10.85 -29.59 4.11
C PHE A 495 -9.51 -29.07 4.65
N LEU A 496 -9.51 -27.81 5.07
CA LEU A 496 -8.31 -27.15 5.59
C LEU A 496 -8.67 -25.78 6.18
N LEU A 497 -8.15 -25.49 7.36
CA LEU A 497 -8.44 -24.22 8.03
C LEU A 497 -7.19 -23.63 8.67
N PRO A 498 -6.71 -22.51 8.12
CA PRO A 498 -5.52 -21.90 8.72
C PRO A 498 -5.91 -21.37 10.10
N ILE A 499 -5.15 -21.70 11.12
CA ILE A 499 -5.56 -21.35 12.46
C ILE A 499 -5.10 -19.95 12.81
N GLU A 500 -6.05 -19.03 12.94
CA GLU A 500 -5.74 -17.70 13.42
C GLU A 500 -5.57 -17.65 14.94
N ASP A 501 -6.50 -18.24 15.69
CA ASP A 501 -6.38 -18.24 17.15
C ASP A 501 -6.94 -19.51 17.82
N VAL A 502 -6.51 -19.75 19.07
CA VAL A 502 -6.92 -20.90 19.87
C VAL A 502 -7.38 -20.45 21.24
N PHE A 503 -8.50 -21.02 21.69
CA PHE A 503 -9.05 -20.72 23.02
C PHE A 503 -9.48 -22.00 23.74
N SER A 504 -9.53 -21.91 25.07
CA SER A 504 -10.13 -22.94 25.91
C SER A 504 -11.37 -22.39 26.61
N ILE A 505 -12.54 -22.88 26.19
CA ILE A 505 -13.79 -22.42 26.76
C ILE A 505 -14.23 -23.38 27.85
N SER A 506 -14.19 -22.93 29.10
CA SER A 506 -14.66 -23.74 30.23
C SER A 506 -15.92 -24.54 29.92
N GLY A 507 -15.76 -25.86 29.78
CA GLY A 507 -16.86 -26.79 29.60
C GLY A 507 -17.20 -27.12 28.16
N ARG A 508 -16.80 -26.25 27.24
CA ARG A 508 -17.06 -26.45 25.81
C ARG A 508 -15.82 -27.08 25.17
N GLY A 509 -14.66 -26.82 25.76
CA GLY A 509 -13.39 -27.36 25.29
C GLY A 509 -12.56 -26.43 24.41
N THR A 510 -11.50 -26.97 23.85
CA THR A 510 -10.61 -26.22 22.97
C THR A 510 -11.21 -25.95 21.58
N VAL A 511 -11.27 -24.68 21.20
CA VAL A 511 -11.84 -24.27 19.92
C VAL A 511 -10.81 -23.43 19.16
N VAL A 512 -10.81 -23.53 17.83
CA VAL A 512 -9.97 -22.67 17.02
C VAL A 512 -10.84 -21.90 16.05
N THR A 513 -10.38 -20.72 15.68
CA THR A 513 -11.13 -19.86 14.80
C THR A 513 -10.29 -19.54 13.56
N GLY A 514 -10.97 -19.23 12.47
CA GLY A 514 -10.28 -18.87 11.25
C GLY A 514 -11.26 -18.97 10.11
N ARG A 515 -10.75 -18.91 8.89
CA ARG A 515 -11.61 -19.05 7.74
C ARG A 515 -11.27 -20.33 7.02
N VAL A 516 -12.27 -21.18 6.76
CA VAL A 516 -12.01 -22.43 6.06
C VAL A 516 -11.58 -22.20 4.61
N GLU A 517 -10.33 -22.56 4.32
CA GLU A 517 -9.72 -22.32 3.01
C GLU A 517 -10.37 -23.15 1.90
N ARG A 518 -10.56 -24.44 2.16
CA ARG A 518 -11.17 -25.33 1.19
C ARG A 518 -11.87 -26.50 1.85
N GLY A 519 -12.70 -27.18 1.08
CA GLY A 519 -13.39 -28.36 1.56
C GLY A 519 -14.47 -28.06 2.57
N ILE A 520 -14.96 -29.12 3.22
CA ILE A 520 -16.00 -29.02 4.24
C ILE A 520 -15.54 -29.75 5.49
N ILE A 521 -16.04 -29.32 6.65
CA ILE A 521 -15.79 -30.05 7.89
C ILE A 521 -17.08 -30.24 8.69
N LYS A 522 -17.55 -31.49 8.72
CA LYS A 522 -18.75 -31.83 9.49
C LYS A 522 -18.32 -32.23 10.90
N VAL A 523 -19.18 -32.01 11.87
CA VAL A 523 -18.89 -32.44 13.23
C VAL A 523 -18.78 -33.97 13.25
N GLY A 524 -17.87 -34.50 14.06
CA GLY A 524 -17.66 -35.94 14.15
C GLY A 524 -16.41 -36.41 13.45
N GLU A 525 -16.15 -35.83 12.28
CA GLU A 525 -14.98 -36.19 11.51
C GLU A 525 -13.71 -35.96 12.29
N GLU A 526 -12.66 -36.69 11.94
CA GLU A 526 -11.36 -36.50 12.56
C GLU A 526 -10.49 -35.53 11.74
N VAL A 527 -9.95 -34.51 12.42
CA VAL A 527 -9.06 -33.55 11.79
C VAL A 527 -7.65 -33.72 12.29
N GLU A 528 -6.71 -33.35 11.43
CA GLU A 528 -5.31 -33.37 11.78
C GLU A 528 -4.94 -31.93 12.02
N ILE A 529 -4.17 -31.66 13.06
CA ILE A 529 -3.68 -30.32 13.30
C ILE A 529 -2.17 -30.28 13.02
N VAL A 530 -1.83 -29.92 11.77
CA VAL A 530 -0.46 -29.91 11.26
C VAL A 530 0.10 -28.50 11.09
N GLY A 531 1.35 -28.31 11.50
CA GLY A 531 1.96 -27.01 11.39
C GLY A 531 3.40 -26.87 11.85
N ILE A 532 3.62 -26.82 13.16
CA ILE A 532 4.88 -26.28 13.65
C ILE A 532 5.57 -27.18 14.67
N LYS A 533 4.84 -28.19 15.12
CA LYS A 533 5.35 -29.17 16.06
C LYS A 533 4.99 -30.52 15.47
N GLU A 534 5.20 -31.60 16.22
CA GLU A 534 4.76 -32.88 15.73
C GLU A 534 3.27 -32.81 15.37
N THR A 535 2.97 -32.85 14.08
CA THR A 535 1.59 -32.89 13.65
C THR A 535 0.80 -33.82 14.55
N GLN A 536 -0.27 -33.30 15.15
CA GLN A 536 -1.09 -34.08 16.07
C GLN A 536 -2.47 -34.26 15.46
N LYS A 537 -3.33 -35.06 16.09
CA LYS A 537 -4.66 -35.30 15.53
C LYS A 537 -5.77 -35.26 16.57
N SER A 538 -6.99 -35.02 16.11
CA SER A 538 -8.13 -34.84 16.98
C SER A 538 -9.44 -35.12 16.28
N THR A 539 -10.53 -34.55 16.80
CA THR A 539 -11.85 -34.77 16.22
C THR A 539 -12.84 -33.62 16.46
N CYS A 540 -13.49 -33.21 15.38
CA CYS A 540 -14.41 -32.07 15.38
C CYS A 540 -15.63 -32.28 16.27
N THR A 541 -15.61 -31.63 17.43
CA THR A 541 -16.74 -31.64 18.34
C THR A 541 -17.93 -30.81 17.87
N GLY A 542 -17.66 -29.69 17.21
CA GLY A 542 -18.71 -28.78 16.78
C GLY A 542 -18.25 -27.75 15.76
N VAL A 543 -19.16 -26.88 15.35
CA VAL A 543 -18.85 -25.85 14.35
C VAL A 543 -19.85 -24.73 14.50
N GLU A 544 -19.37 -23.50 14.70
CA GLU A 544 -20.29 -22.41 15.01
C GLU A 544 -19.84 -21.03 14.54
N MET A 545 -20.82 -20.16 14.29
CA MET A 545 -20.56 -18.76 14.03
C MET A 545 -21.10 -17.97 15.20
N PHE A 546 -21.09 -16.65 15.11
CA PHE A 546 -21.46 -15.88 16.29
C PHE A 546 -22.92 -16.06 16.64
N ARG A 547 -23.77 -16.22 15.63
CA ARG A 547 -25.19 -16.45 15.89
C ARG A 547 -25.58 -17.92 15.70
N LYS A 548 -25.37 -18.46 14.51
CA LYS A 548 -25.72 -19.84 14.20
C LYS A 548 -24.78 -20.83 14.88
N LEU A 549 -25.31 -21.97 15.30
CA LEU A 549 -24.43 -23.11 15.54
C LEU A 549 -24.65 -24.07 14.37
N LEU A 550 -23.56 -24.62 13.84
CA LEU A 550 -23.63 -25.43 12.63
C LEU A 550 -23.13 -26.83 12.90
N ASP A 551 -23.32 -27.70 11.91
CA ASP A 551 -22.77 -29.05 11.98
C ASP A 551 -21.78 -29.29 10.85
N GLU A 552 -21.57 -28.28 10.01
CA GLU A 552 -20.51 -28.30 9.01
C GLU A 552 -19.99 -26.89 8.69
N GLY A 553 -18.69 -26.79 8.42
CA GLY A 553 -18.10 -25.55 7.95
C GLY A 553 -17.68 -25.71 6.51
N ARG A 554 -18.12 -24.80 5.63
CA ARG A 554 -17.82 -24.87 4.20
C ARG A 554 -16.88 -23.76 3.70
N ALA A 555 -16.06 -24.09 2.71
CA ALA A 555 -15.14 -23.14 2.10
C ALA A 555 -15.64 -21.69 2.03
N GLY A 556 -14.78 -20.76 2.43
CA GLY A 556 -15.09 -19.35 2.36
C GLY A 556 -15.74 -18.81 3.62
N GLU A 557 -15.97 -19.68 4.59
CA GLU A 557 -16.68 -19.29 5.80
C GLU A 557 -15.78 -19.10 7.00
N ASN A 558 -16.05 -18.06 7.79
CA ASN A 558 -15.34 -17.84 9.04
C ASN A 558 -16.06 -18.55 10.18
N VAL A 559 -15.35 -19.43 10.85
CA VAL A 559 -15.96 -20.28 11.87
C VAL A 559 -15.06 -20.42 13.07
N GLY A 560 -15.62 -21.03 14.10
CA GLY A 560 -14.84 -21.59 15.20
C GLY A 560 -15.10 -23.08 15.13
N VAL A 561 -14.05 -23.88 15.30
CA VAL A 561 -14.21 -25.32 15.29
C VAL A 561 -13.70 -25.91 16.60
N LEU A 562 -14.59 -26.64 17.29
CA LEU A 562 -14.25 -27.24 18.58
C LEU A 562 -13.66 -28.62 18.36
N LEU A 563 -12.56 -28.89 19.06
CA LEU A 563 -11.90 -30.18 19.02
C LEU A 563 -12.12 -30.93 20.34
N ARG A 564 -11.53 -32.13 20.45
CA ARG A 564 -11.56 -32.89 21.71
C ARG A 564 -10.20 -33.50 22.07
N GLY A 565 -9.85 -33.41 23.35
CA GLY A 565 -8.67 -34.08 23.86
C GLY A 565 -7.40 -33.28 23.73
N ILE A 566 -7.38 -32.37 22.77
CA ILE A 566 -6.22 -31.48 22.57
C ILE A 566 -6.38 -30.19 23.42
N LYS A 567 -5.27 -29.73 24.01
CA LYS A 567 -5.30 -28.57 24.90
C LYS A 567 -4.75 -27.31 24.20
N ARG A 568 -5.13 -26.13 24.67
CA ARG A 568 -4.79 -24.92 23.93
C ARG A 568 -3.35 -24.44 24.12
N GLU A 569 -2.50 -25.26 24.72
CA GLU A 569 -1.11 -24.87 24.90
C GLU A 569 -0.25 -25.55 23.83
N GLU A 570 -0.86 -26.49 23.12
CA GLU A 570 -0.18 -27.30 22.12
C GLU A 570 -0.81 -27.10 20.76
N ILE A 571 -1.46 -25.95 20.60
CA ILE A 571 -1.84 -25.45 19.29
C ILE A 571 -1.29 -24.02 19.14
N GLU A 572 -0.66 -23.73 18.00
CA GLU A 572 -0.24 -22.38 17.70
C GLU A 572 -1.00 -21.82 16.50
N ARG A 573 -1.11 -20.50 16.45
CA ARG A 573 -1.50 -19.84 15.21
C ARG A 573 -0.37 -20.08 14.22
N GLY A 574 -0.71 -20.28 12.96
CA GLY A 574 0.27 -20.62 11.94
C GLY A 574 -0.05 -21.98 11.40
N GLN A 575 -0.36 -22.89 12.32
CA GLN A 575 -0.82 -24.22 12.01
C GLN A 575 -2.11 -24.18 11.20
N VAL A 576 -2.36 -25.26 10.47
CA VAL A 576 -3.64 -25.44 9.80
C VAL A 576 -4.31 -26.66 10.39
N LEU A 577 -5.61 -26.76 10.13
CA LEU A 577 -6.42 -27.87 10.57
C LEU A 577 -6.91 -28.57 9.33
N ALA A 578 -6.30 -29.68 8.94
CA ALA A 578 -6.63 -30.31 7.67
C ALA A 578 -7.22 -31.70 7.84
N LYS A 579 -7.88 -32.18 6.78
CA LYS A 579 -8.29 -33.58 6.70
C LYS A 579 -7.03 -34.44 6.67
N PRO A 580 -7.00 -35.49 7.51
CA PRO A 580 -5.79 -36.28 7.82
C PRO A 580 -5.06 -36.83 6.59
N GLY A 581 -3.80 -36.44 6.40
CA GLY A 581 -3.01 -36.89 5.26
C GLY A 581 -3.09 -35.94 4.08
N THR A 582 -3.90 -34.90 4.22
CA THR A 582 -4.13 -33.94 3.15
C THR A 582 -2.91 -33.07 2.86
N ILE A 583 -2.33 -32.50 3.91
CA ILE A 583 -1.10 -31.72 3.80
C ILE A 583 -0.07 -32.28 4.77
N LYS A 584 1.18 -31.89 4.58
CA LYS A 584 2.25 -32.34 5.46
C LYS A 584 3.15 -31.15 5.78
N PRO A 585 3.90 -31.23 6.88
CA PRO A 585 4.82 -30.17 7.29
C PRO A 585 6.17 -30.23 6.60
N HIS A 586 6.62 -29.11 6.06
CA HIS A 586 7.92 -29.03 5.42
C HIS A 586 8.67 -27.76 5.80
N THR A 587 9.96 -27.76 5.52
CA THR A 587 10.86 -26.75 6.01
C THR A 587 11.73 -26.21 4.89
N LYS A 588 11.82 -26.95 3.79
CA LYS A 588 12.65 -26.52 2.67
C LYS A 588 11.90 -26.66 1.37
N PHE A 589 12.06 -25.67 0.51
CA PHE A 589 11.42 -25.67 -0.80
C PHE A 589 12.18 -24.78 -1.75
N GLU A 590 12.05 -25.05 -3.04
CA GLU A 590 12.50 -24.10 -4.04
C GLU A 590 11.27 -23.35 -4.54
N SER A 591 11.46 -22.10 -4.93
CA SER A 591 10.33 -21.26 -5.23
C SER A 591 10.67 -20.11 -6.16
N GLU A 592 9.63 -19.52 -6.73
CA GLU A 592 9.75 -18.35 -7.59
C GLU A 592 9.21 -17.12 -6.87
N VAL A 593 10.08 -16.16 -6.59
CA VAL A 593 9.62 -14.98 -5.89
C VAL A 593 9.91 -13.70 -6.64
N TYR A 594 9.17 -12.67 -6.31
CA TYR A 594 9.35 -11.40 -6.93
C TYR A 594 9.64 -10.42 -5.81
N ILE A 595 10.79 -9.75 -5.83
CA ILE A 595 11.02 -8.68 -4.88
C ILE A 595 10.37 -7.37 -5.33
N LEU A 596 9.58 -6.74 -4.46
CA LEU A 596 8.93 -5.49 -4.80
C LEU A 596 9.96 -4.41 -5.01
N SER A 597 9.64 -3.44 -5.87
CA SER A 597 10.55 -2.33 -6.15
C SER A 597 10.48 -1.27 -5.09
N LYS A 598 11.39 -0.31 -5.17
CA LYS A 598 11.34 0.84 -4.29
C LYS A 598 9.93 1.41 -4.42
N ASP A 599 9.50 1.63 -5.66
CA ASP A 599 8.20 2.22 -5.98
C ASP A 599 6.97 1.55 -5.32
N GLU A 600 7.00 0.22 -5.20
CA GLU A 600 5.82 -0.52 -4.77
C GLU A 600 5.80 -0.83 -3.28
N GLY A 601 6.56 -0.07 -2.49
CA GLY A 601 6.61 -0.27 -1.06
C GLY A 601 7.73 -1.20 -0.59
N GLY A 602 8.55 -1.67 -1.52
CA GLY A 602 9.55 -2.69 -1.21
C GLY A 602 10.80 -2.12 -0.61
N ARG A 603 11.84 -2.94 -0.52
CA ARG A 603 13.12 -2.41 -0.10
C ARG A 603 13.65 -1.50 -1.19
N HIS A 604 14.62 -0.67 -0.85
CA HIS A 604 15.20 0.27 -1.80
C HIS A 604 16.70 0.02 -1.88
N THR A 605 17.11 -1.05 -1.21
CA THR A 605 18.48 -1.55 -1.27
C THR A 605 18.49 -3.00 -1.77
N PRO A 606 19.52 -3.37 -2.53
CA PRO A 606 19.60 -4.76 -2.96
C PRO A 606 20.00 -5.65 -1.80
N PHE A 607 19.87 -6.96 -1.97
CA PHE A 607 20.40 -7.89 -0.99
C PHE A 607 21.25 -8.96 -1.67
N PHE A 608 21.88 -9.83 -0.89
CA PHE A 608 22.85 -10.77 -1.46
C PHE A 608 22.74 -12.17 -0.91
N LYS A 609 23.91 -12.79 -0.75
CA LYS A 609 24.03 -14.20 -0.40
C LYS A 609 23.19 -14.54 0.83
N GLY A 610 23.27 -13.69 1.84
CA GLY A 610 22.78 -14.02 3.18
C GLY A 610 21.29 -13.89 3.51
N TYR A 611 20.65 -12.86 2.98
CA TYR A 611 19.25 -12.54 3.22
C TYR A 611 18.51 -13.52 4.10
N ARG A 612 18.04 -13.00 5.24
CA ARG A 612 17.32 -13.78 6.25
C ARG A 612 16.10 -13.00 6.76
N PRO A 613 15.02 -13.00 5.96
CA PRO A 613 13.80 -12.25 6.25
C PRO A 613 12.74 -13.19 6.80
N GLN A 614 11.51 -12.72 6.90
CA GLN A 614 10.39 -13.55 7.34
C GLN A 614 9.51 -13.91 6.19
N PHE A 615 9.12 -15.18 6.17
CA PHE A 615 8.19 -15.66 5.18
C PHE A 615 6.85 -15.82 5.84
N TYR A 616 5.91 -14.99 5.45
CA TYR A 616 4.60 -15.02 6.06
C TYR A 616 3.76 -15.97 5.26
N PHE A 617 3.34 -17.06 5.87
CA PHE A 617 2.62 -18.06 5.08
C PHE A 617 1.12 -17.93 4.98
N ARG A 618 0.39 -18.59 5.87
CA ARG A 618 -1.05 -18.51 5.77
C ARG A 618 -1.54 -17.40 6.69
N THR A 619 -0.90 -17.30 7.84
CA THR A 619 -1.44 -16.54 8.92
C THR A 619 -0.37 -16.21 9.95
N THR A 620 0.89 -16.39 9.57
CA THR A 620 1.99 -16.13 10.49
C THR A 620 3.34 -15.94 9.79
N ASP A 621 4.21 -15.14 10.39
CA ASP A 621 5.58 -14.97 9.89
C ASP A 621 6.39 -16.15 10.35
N VAL A 622 7.24 -16.67 9.48
CA VAL A 622 8.27 -17.60 9.92
C VAL A 622 9.58 -17.27 9.21
N THR A 623 10.68 -17.50 9.90
CA THR A 623 11.96 -17.01 9.45
C THR A 623 12.73 -18.09 8.72
N GLY A 624 13.49 -17.70 7.69
CA GLY A 624 14.29 -18.66 6.94
C GLY A 624 15.48 -18.09 6.21
N THR A 625 16.35 -18.96 5.73
CA THR A 625 17.46 -18.54 4.89
C THR A 625 17.16 -18.92 3.46
N ILE A 626 17.72 -18.15 2.53
CA ILE A 626 17.57 -18.41 1.10
C ILE A 626 18.92 -18.58 0.43
N GLU A 627 18.96 -19.40 -0.61
CA GLU A 627 20.18 -19.55 -1.40
C GLU A 627 19.93 -19.28 -2.88
N LEU A 628 20.72 -18.38 -3.45
CA LEU A 628 20.50 -17.97 -4.83
C LEU A 628 20.83 -19.08 -5.83
N PRO A 629 20.30 -18.98 -7.06
CA PRO A 629 20.72 -19.99 -8.03
C PRO A 629 22.15 -19.74 -8.49
N GLU A 630 22.57 -20.46 -9.52
CA GLU A 630 23.93 -20.38 -10.06
C GLU A 630 24.19 -19.06 -10.79
N GLY A 631 25.23 -18.35 -10.39
CA GLY A 631 25.65 -17.17 -11.12
C GLY A 631 25.03 -15.87 -10.65
N VAL A 632 24.25 -15.93 -9.59
CA VAL A 632 23.61 -14.73 -9.04
C VAL A 632 24.04 -14.49 -7.61
N GLU A 633 24.49 -13.28 -7.33
CA GLU A 633 24.91 -12.95 -5.96
C GLU A 633 24.45 -11.56 -5.49
N MET A 634 23.68 -10.87 -6.33
CA MET A 634 22.97 -9.67 -5.90
C MET A 634 21.52 -9.72 -6.38
N VAL A 635 20.63 -9.05 -5.67
CA VAL A 635 19.23 -8.97 -6.03
C VAL A 635 18.66 -7.59 -5.71
N MET A 636 17.86 -7.05 -6.63
CA MET A 636 17.39 -5.68 -6.52
C MET A 636 15.87 -5.57 -6.50
N PRO A 637 15.37 -4.51 -5.86
CA PRO A 637 13.93 -4.25 -5.93
C PRO A 637 13.45 -4.36 -7.38
N GLY A 638 12.38 -5.11 -7.61
CA GLY A 638 11.80 -5.15 -8.92
C GLY A 638 12.15 -6.39 -9.70
N ASP A 639 13.10 -7.17 -9.21
CA ASP A 639 13.46 -8.32 -10.02
C ASP A 639 12.99 -9.71 -9.55
N ASN A 640 12.51 -10.51 -10.51
CA ASN A 640 12.17 -11.92 -10.30
C ASN A 640 13.39 -12.71 -9.95
N ILE A 641 13.17 -13.89 -9.40
CA ILE A 641 14.28 -14.64 -8.88
C ILE A 641 13.74 -15.94 -8.34
N LYS A 642 14.44 -17.03 -8.62
CA LYS A 642 14.13 -18.32 -8.05
C LYS A 642 15.03 -18.48 -6.85
N MET A 643 14.50 -18.96 -5.75
CA MET A 643 15.35 -19.24 -4.62
C MET A 643 14.87 -20.46 -3.84
N VAL A 644 15.81 -21.11 -3.18
CA VAL A 644 15.52 -22.26 -2.34
C VAL A 644 15.50 -21.81 -0.90
N VAL A 645 14.32 -21.85 -0.30
CA VAL A 645 14.13 -21.31 1.03
C VAL A 645 14.18 -22.42 2.02
N THR A 646 14.88 -22.17 3.12
CA THR A 646 14.97 -23.12 4.20
C THR A 646 14.51 -22.43 5.50
N LEU A 647 13.39 -22.90 6.05
CA LEU A 647 12.72 -22.29 7.20
C LEU A 647 13.21 -22.82 8.55
N ILE A 648 13.12 -21.99 9.57
CA ILE A 648 13.63 -22.38 10.88
C ILE A 648 12.74 -23.40 11.60
N HIS A 649 11.55 -23.64 11.09
CA HIS A 649 10.75 -24.79 11.52
C HIS A 649 9.50 -25.00 10.66
N PRO A 650 9.00 -26.25 10.62
CA PRO A 650 8.01 -26.74 9.63
C PRO A 650 6.78 -25.85 9.44
N ILE A 651 6.02 -26.17 8.40
CA ILE A 651 4.74 -25.52 8.10
C ILE A 651 4.02 -26.30 7.02
N ALA A 652 2.76 -26.64 7.25
CA ALA A 652 2.00 -27.37 6.22
C ALA A 652 2.15 -26.66 4.87
N MET A 653 2.41 -27.40 3.79
CA MET A 653 2.55 -26.81 2.46
C MET A 653 2.51 -27.79 1.29
N ASP A 654 2.17 -27.25 0.13
CA ASP A 654 2.05 -28.01 -1.11
C ASP A 654 2.38 -27.10 -2.29
N ASP A 655 2.93 -27.66 -3.37
CA ASP A 655 3.20 -26.90 -4.60
C ASP A 655 2.08 -25.90 -4.88
N GLY A 656 2.46 -24.66 -5.15
CA GLY A 656 1.51 -23.65 -5.55
C GLY A 656 1.06 -22.75 -4.43
N LEU A 657 1.66 -22.93 -3.25
CA LEU A 657 1.30 -22.15 -2.08
C LEU A 657 1.96 -20.76 -2.08
N ARG A 658 1.14 -19.72 -2.05
CA ARG A 658 1.65 -18.35 -2.06
C ARG A 658 2.17 -17.92 -0.70
N PHE A 659 3.20 -17.08 -0.70
CA PHE A 659 3.67 -16.51 0.55
C PHE A 659 4.14 -15.11 0.35
N ALA A 660 4.22 -14.38 1.44
CA ALA A 660 4.70 -13.02 1.38
C ALA A 660 6.05 -13.09 1.99
N ILE A 661 6.92 -12.15 1.64
CA ILE A 661 8.23 -12.05 2.23
C ILE A 661 8.29 -10.72 2.93
N ARG A 662 8.67 -10.71 4.21
CA ARG A 662 8.53 -9.49 4.99
C ARG A 662 9.75 -9.09 5.80
N GLU A 663 9.78 -7.81 6.17
CA GLU A 663 10.80 -7.27 7.05
C GLU A 663 10.09 -6.53 8.17
N GLY A 664 9.92 -7.21 9.30
CA GLY A 664 9.21 -6.63 10.42
C GLY A 664 7.93 -5.92 10.02
N GLY A 665 6.99 -6.66 9.46
CA GLY A 665 5.69 -6.10 9.13
C GLY A 665 5.54 -5.54 7.74
N ARG A 666 6.63 -5.05 7.16
CA ARG A 666 6.64 -4.57 5.78
C ARG A 666 6.74 -5.72 4.78
N THR A 667 5.82 -5.78 3.84
CA THR A 667 5.97 -6.71 2.73
C THR A 667 6.99 -6.15 1.73
N VAL A 668 7.87 -7.01 1.22
CA VAL A 668 8.91 -6.58 0.30
C VAL A 668 9.05 -7.54 -0.88
N GLY A 669 8.25 -8.60 -0.88
CA GLY A 669 8.27 -9.56 -1.96
C GLY A 669 7.17 -10.59 -1.85
N ALA A 670 6.82 -11.20 -2.98
CA ALA A 670 5.84 -12.27 -3.02
C ALA A 670 6.55 -13.50 -3.55
N GLY A 671 5.91 -14.64 -3.50
CA GLY A 671 6.59 -15.87 -3.91
C GLY A 671 5.63 -17.03 -3.87
N VAL A 672 5.95 -18.09 -4.61
CA VAL A 672 5.12 -19.28 -4.67
C VAL A 672 6.01 -20.49 -4.59
N VAL A 673 5.62 -21.47 -3.77
CA VAL A 673 6.41 -22.69 -3.67
C VAL A 673 6.33 -23.49 -4.96
N ALA A 674 7.48 -23.81 -5.55
CA ALA A 674 7.51 -24.62 -6.76
C ALA A 674 7.60 -26.11 -6.41
N LYS A 675 8.78 -26.54 -5.99
CA LYS A 675 8.98 -27.91 -5.52
C LYS A 675 9.49 -27.85 -4.08
N VAL A 676 8.95 -28.73 -3.23
CA VAL A 676 9.37 -28.79 -1.85
C VAL A 676 10.45 -29.84 -1.64
N LEU A 677 11.55 -29.44 -1.01
CA LEU A 677 12.72 -30.29 -0.87
C LEU A 677 12.62 -31.24 0.34
N SER A 678 13.76 -31.56 0.95
CA SER A 678 13.77 -32.61 1.97
C SER A 678 14.32 -32.20 3.33
N GLY A 679 15.32 -31.32 3.34
CA GLY A 679 15.89 -30.83 4.58
C GLY A 679 16.73 -31.84 5.33
N ALA A 680 17.99 -31.49 5.58
CA ALA A 680 18.88 -32.33 6.38
C ALA A 680 18.76 -31.98 7.85
N SER A 700 25.29 -7.91 13.66
CA SER A 700 24.86 -9.29 13.92
C SER A 700 24.00 -9.42 15.19
N SER A 701 24.55 -9.03 16.34
CA SER A 701 23.87 -9.19 17.63
C SER A 701 24.47 -8.30 18.74
N ARG A 702 23.69 -8.03 19.78
CA ARG A 702 24.15 -7.16 20.88
C ARG A 702 23.34 -7.26 22.19
N ASN A 703 23.74 -8.18 23.07
CA ASN A 703 23.03 -8.37 24.32
C ASN A 703 23.50 -7.43 25.45
N SER A 704 24.79 -7.08 25.45
CA SER A 704 25.28 -6.08 26.40
C SER A 704 24.95 -4.69 25.88
N LEU A 705 24.94 -4.51 24.56
CA LEU A 705 24.43 -3.27 23.97
C LEU A 705 22.96 -3.13 24.33
N SER A 706 22.22 -4.23 24.21
CA SER A 706 20.83 -4.24 24.63
C SER A 706 20.70 -3.77 26.07
N ALA A 707 21.59 -4.26 26.93
CA ALA A 707 21.54 -3.99 28.37
C ALA A 707 22.06 -2.62 28.70
N GLN A 708 23.10 -2.22 27.96
CA GLN A 708 23.60 -0.87 28.02
C GLN A 708 22.49 0.14 27.71
N LEU A 709 21.69 -0.14 26.68
CA LEU A 709 20.63 0.76 26.25
C LEU A 709 19.45 0.72 27.22
N ARG A 710 19.04 -0.49 27.57
CA ARG A 710 18.02 -0.72 28.56
C ARG A 710 18.21 0.13 29.82
N ARG A 711 19.46 0.28 30.24
CA ARG A 711 19.84 0.89 31.50
C ARG A 711 19.81 2.43 31.36
N ALA A 712 20.38 2.93 30.28
CA ALA A 712 20.28 4.34 29.91
C ALA A 712 18.82 4.78 29.82
N ALA A 713 18.05 4.03 29.05
CA ALA A 713 16.60 4.20 29.03
C ALA A 713 15.96 4.39 30.41
N ASN A 714 16.38 3.57 31.39
CA ASN A 714 15.71 3.56 32.69
C ASN A 714 16.23 4.59 33.71
N THR A 715 17.03 5.49 33.18
CA THR A 715 17.67 6.49 33.94
C THR A 715 16.74 7.66 34.00
N ARG A 716 16.95 8.58 34.93
CA ARG A 716 16.28 9.87 34.80
C ARG A 716 17.21 10.98 34.36
N ILE A 717 16.78 11.69 33.34
CA ILE A 717 17.45 12.94 32.98
C ILE A 717 17.15 13.92 34.14
N GLU A 718 18.19 14.62 34.59
CA GLU A 718 17.99 15.43 35.79
C GLU A 718 18.56 16.84 35.64
N VAL A 719 17.80 17.84 36.08
CA VAL A 719 18.24 19.22 35.90
C VAL A 719 17.59 20.15 36.90
N GLU A 720 18.08 21.38 36.91
CA GLU A 720 17.56 22.42 37.78
C GLU A 720 16.37 23.13 37.14
N GLY A 721 15.19 22.95 37.73
CA GLY A 721 14.02 23.70 37.33
C GLY A 721 13.05 23.03 36.36
N ASN A 722 12.64 23.77 35.34
CA ASN A 722 11.66 23.28 34.39
C ASN A 722 12.32 23.18 33.03
N LEU A 723 12.66 21.95 32.66
CA LEU A 723 13.40 21.72 31.45
C LEU A 723 12.56 22.10 30.22
N ALA A 724 11.27 21.76 30.30
CA ALA A 724 10.40 21.95 29.18
C ALA A 724 10.54 23.39 28.78
N LEU A 725 10.32 24.25 29.78
CA LEU A 725 10.35 25.68 29.62
C LEU A 725 11.71 26.13 29.16
N SER A 726 12.75 25.67 29.83
CA SER A 726 14.11 26.08 29.46
C SER A 726 14.36 25.85 28.01
N ILE A 727 13.91 24.69 27.50
CA ILE A 727 14.02 24.42 26.07
C ILE A 727 13.29 25.48 25.22
N ALA A 728 12.04 25.77 25.56
CA ALA A 728 11.29 26.80 24.83
C ALA A 728 12.03 28.12 24.82
N ASN A 729 12.53 28.53 25.97
CA ASN A 729 13.32 29.77 25.96
C ASN A 729 14.63 29.74 25.19
N ASP A 730 15.43 28.70 25.31
CA ASP A 730 16.63 28.70 24.48
C ASP A 730 16.22 28.60 23.01
N LEU A 731 14.95 28.32 22.77
CA LEU A 731 14.46 28.32 21.40
C LEU A 731 13.95 29.71 20.97
N LEU A 732 13.02 30.28 21.76
CA LEU A 732 12.63 31.69 21.56
C LEU A 732 13.82 32.59 21.32
N LEU A 733 14.90 32.40 22.05
CA LEU A 733 16.05 33.27 21.86
C LEU A 733 16.75 32.94 20.56
N ALA A 734 16.99 31.67 20.28
CA ALA A 734 17.74 31.31 19.07
C ALA A 734 17.08 31.88 17.81
N TYR A 735 15.84 32.36 17.96
CA TYR A 735 15.09 32.96 16.88
C TYR A 735 14.86 34.46 17.11
N GLY A 736 15.54 35.02 18.09
CA GLY A 736 15.52 36.46 18.32
C GLY A 736 14.22 37.04 18.86
N GLN A 737 13.52 36.27 19.70
CA GLN A 737 12.27 36.70 20.31
C GLN A 737 12.44 36.65 21.78
N SER A 738 11.74 37.52 22.49
CA SER A 738 11.83 37.54 23.95
C SER A 738 11.47 36.18 24.53
N PRO A 739 12.16 35.77 25.60
CA PRO A 739 11.76 34.59 26.35
C PRO A 739 10.44 34.78 27.05
N PHE A 740 9.83 33.69 27.48
CA PHE A 740 8.68 33.81 28.34
C PHE A 740 9.20 34.41 29.64
N ASN A 741 8.51 35.43 30.14
CA ASN A 741 8.85 36.04 31.43
C ASN A 741 8.67 35.08 32.61
N SER A 742 7.51 34.44 32.65
CA SER A 742 7.11 33.61 33.78
C SER A 742 6.24 32.46 33.27
N GLU A 743 5.96 31.48 34.14
CA GLU A 743 5.07 30.40 33.75
C GLU A 743 3.76 31.07 33.38
N ALA A 744 3.50 32.23 33.98
CA ALA A 744 2.31 33.00 33.67
C ALA A 744 2.18 33.35 32.19
N GLU A 745 3.30 33.70 31.55
CA GLU A 745 3.22 34.12 30.15
C GLU A 745 2.93 32.97 29.20
N CYS A 746 3.59 31.84 29.41
CA CYS A 746 3.41 30.65 28.58
C CYS A 746 1.99 30.41 28.09
N ILE A 747 1.02 30.67 28.95
CA ILE A 747 -0.36 30.26 28.67
C ILE A 747 -1.24 31.46 28.37
N SER A 748 -0.60 32.62 28.22
CA SER A 748 -1.29 33.90 28.06
C SER A 748 -0.56 34.79 27.04
N PHE A 749 -0.11 34.17 25.95
CA PHE A 749 0.56 34.92 24.90
C PHE A 749 -0.23 34.78 23.59
N SER A 750 -0.47 35.92 22.93
CA SER A 750 -1.27 35.94 21.74
C SER A 750 -0.39 36.31 20.57
N PRO A 751 -0.38 35.47 19.53
CA PRO A 751 0.49 35.73 18.39
C PRO A 751 -0.01 36.95 17.61
N ARG A 752 0.85 37.51 16.78
CA ARG A 752 0.46 38.55 15.85
C ARG A 752 0.28 37.86 14.51
N PHE A 753 -0.92 37.99 13.93
CA PHE A 753 -1.23 37.46 12.60
C PHE A 753 -0.87 38.43 11.51
N ASP A 754 0.43 38.72 11.37
CA ASP A 754 1.00 39.55 10.29
C ASP A 754 2.51 39.33 10.22
N GLY A 755 3.17 39.98 9.28
CA GLY A 755 4.60 39.77 9.15
C GLY A 755 4.85 38.56 8.32
N THR A 756 6.11 38.35 7.94
CA THR A 756 6.51 37.24 7.10
C THR A 756 6.10 35.87 7.67
N PRO A 757 6.01 34.86 6.79
CA PRO A 757 5.77 33.50 7.28
C PRO A 757 6.78 33.06 8.36
N ASP A 758 8.06 33.33 8.18
CA ASP A 758 9.07 32.93 9.17
C ASP A 758 8.78 33.62 10.49
N ASP A 759 8.65 34.94 10.42
CA ASP A 759 8.37 35.73 11.60
C ASP A 759 7.14 35.24 12.35
N PHE A 760 6.11 34.80 11.63
CA PHE A 760 4.90 34.33 12.29
C PHE A 760 5.05 32.92 12.83
N ARG A 761 5.85 32.11 12.15
CA ARG A 761 5.84 30.69 12.43
C ARG A 761 6.32 30.49 13.86
N ILE A 762 7.44 31.11 14.19
CA ILE A 762 7.96 30.95 15.52
C ILE A 762 7.06 31.69 16.50
N ASN A 763 6.46 32.77 16.04
CA ASN A 763 5.58 33.57 16.87
C ASN A 763 4.40 32.74 17.30
N TYR A 764 4.00 31.84 16.40
CA TYR A 764 2.89 30.94 16.66
C TYR A 764 3.35 29.83 17.58
N LEU A 765 4.52 29.30 17.31
CA LEU A 765 5.08 28.36 18.26
C LEU A 765 5.12 28.99 19.65
N LYS A 766 5.66 30.19 19.75
CA LYS A 766 5.76 30.83 21.05
C LYS A 766 4.42 30.87 21.79
N ALA A 767 3.30 30.97 21.07
CA ALA A 767 2.01 30.97 21.76
C ALA A 767 1.45 29.57 22.00
N GLU A 768 1.90 28.59 21.22
CA GLU A 768 1.38 27.22 21.41
C GLU A 768 2.27 26.26 22.24
N ILE A 769 3.59 26.40 22.16
CA ILE A 769 4.51 25.37 22.62
C ILE A 769 4.28 24.93 24.06
N MET A 770 4.07 25.87 24.97
CA MET A 770 3.83 25.51 26.38
C MET A 770 2.35 25.48 26.76
N SER A 771 1.46 25.79 25.82
CA SER A 771 0.05 25.98 26.17
C SER A 771 -0.65 24.80 26.82
N LYS A 772 -0.11 23.59 26.68
CA LYS A 772 -0.76 22.41 27.25
C LYS A 772 0.00 21.78 28.41
N TYR A 773 1.20 22.27 28.68
CA TYR A 773 2.02 21.75 29.78
C TYR A 773 1.18 21.57 31.04
N ASP A 774 1.24 20.41 31.67
CA ASP A 774 0.33 20.09 32.76
C ASP A 774 0.95 20.24 34.13
N ASP A 775 2.12 20.82 34.19
CA ASP A 775 2.87 20.79 35.44
C ASP A 775 3.34 22.17 35.87
N PHE A 776 2.71 23.22 35.36
CA PHE A 776 2.92 24.50 35.99
C PHE A 776 2.26 24.24 37.31
N SER A 777 2.86 24.71 38.40
CA SER A 777 2.21 24.56 39.69
C SER A 777 1.51 25.89 39.92
N LEU A 778 2.13 26.91 39.34
CA LEU A 778 1.76 28.30 39.58
C LEU A 778 0.37 28.67 39.01
N GLY A 779 -0.63 28.40 39.84
CA GLY A 779 -1.97 28.83 39.58
C GLY A 779 -2.90 28.20 40.59
N ILE A 780 -3.87 28.99 41.05
CA ILE A 780 -5.04 28.47 41.74
C ILE A 780 -5.81 27.67 40.68
N ASP A 781 -5.05 26.90 39.91
CA ASP A 781 -5.58 26.26 38.74
C ASP A 781 -5.99 24.86 39.05
N THR A 782 -7.26 24.55 38.79
CA THR A 782 -7.75 23.19 38.99
C THR A 782 -8.52 22.58 37.75
N GLU A 783 -9.53 21.77 38.03
CA GLU A 783 -10.37 21.17 37.01
C GLU A 783 -11.77 21.60 37.42
N ALA A 784 -11.83 22.36 38.50
CA ALA A 784 -13.08 22.94 38.93
C ALA A 784 -13.60 23.79 37.78
N VAL A 785 -12.69 24.42 37.04
CA VAL A 785 -13.11 25.10 35.84
C VAL A 785 -13.75 24.13 34.83
N ALA A 786 -13.24 22.90 34.70
CA ALA A 786 -13.89 21.93 33.83
C ALA A 786 -15.38 21.75 34.13
N TRP A 787 -15.73 21.58 35.41
CA TRP A 787 -17.12 21.39 35.80
C TRP A 787 -17.90 22.70 35.72
N GLU A 788 -17.24 23.83 35.93
CA GLU A 788 -17.92 25.12 35.78
C GLU A 788 -18.36 25.25 34.33
N LYS A 789 -17.43 24.94 33.43
CA LYS A 789 -17.68 25.04 32.00
C LYS A 789 -18.78 24.06 31.66
N PHE A 790 -18.78 22.93 32.33
CA PHE A 790 -19.75 21.89 32.04
C PHE A 790 -21.16 22.28 32.49
N LEU A 791 -21.30 22.64 33.76
CA LEU A 791 -22.53 23.26 34.24
C LEU A 791 -23.06 24.40 33.32
N ALA A 792 -22.18 25.19 32.74
CA ALA A 792 -22.61 26.28 31.83
C ALA A 792 -23.21 25.75 30.52
N ALA A 793 -22.61 24.71 29.95
CA ALA A 793 -23.14 24.10 28.74
C ALA A 793 -24.53 23.57 28.99
N GLU A 794 -24.72 22.86 30.09
CA GLU A 794 -26.02 22.31 30.42
C GLU A 794 -27.01 23.43 30.55
N ALA A 795 -26.61 24.46 31.30
CA ALA A 795 -27.46 25.58 31.58
C ALA A 795 -27.94 26.17 30.27
N GLU A 796 -27.07 26.14 29.28
CA GLU A 796 -27.39 26.61 27.93
C GLU A 796 -28.34 25.72 27.17
N CYS A 797 -28.12 24.41 27.17
CA CYS A 797 -29.08 23.53 26.51
C CYS A 797 -30.44 23.73 27.16
N ALA A 798 -30.42 24.09 28.43
CA ALA A 798 -31.67 24.33 29.11
C ALA A 798 -32.38 25.48 28.41
N LEU A 799 -31.71 26.62 28.31
CA LEU A 799 -32.26 27.80 27.62
C LEU A 799 -32.82 27.46 26.24
N THR A 800 -31.95 26.95 25.40
CA THR A 800 -32.33 26.65 24.05
C THR A 800 -33.33 25.49 23.92
N ASN A 801 -33.28 24.49 24.78
CA ASN A 801 -34.38 23.52 24.89
C ASN A 801 -35.74 24.20 25.13
N ALA A 802 -35.75 25.29 25.90
CA ALA A 802 -36.98 26.01 26.16
C ALA A 802 -37.38 26.83 24.95
N ARG A 803 -36.45 27.65 24.50
CA ARG A 803 -36.66 28.53 23.35
C ARG A 803 -37.09 27.82 22.07
N LEU A 804 -36.53 26.65 21.79
CA LEU A 804 -36.77 25.94 20.53
C LEU A 804 -38.09 25.17 20.48
N TYR A 805 -38.62 24.83 21.65
CA TYR A 805 -39.93 24.19 21.73
C TYR A 805 -40.97 25.26 22.10
N ARG A 806 -41.08 26.33 21.32
CA ARG A 806 -41.92 27.45 21.73
C ARG A 806 -41.94 28.60 20.72
N PRO A 807 -41.69 28.30 19.42
CA PRO A 807 -41.50 29.42 18.48
C PRO A 807 -42.83 30.00 17.95
N ASP A 808 -43.85 30.04 18.81
CA ASP A 808 -45.10 30.72 18.48
C ASP A 808 -45.04 32.14 19.05
N TYR A 809 -44.53 33.05 18.22
CA TYR A 809 -44.61 34.48 18.51
C TYR A 809 -46.05 34.90 18.28
N SER A 810 -46.87 33.91 17.91
CA SER A 810 -48.26 34.11 17.57
C SER A 810 -48.33 35.17 16.49
N GLU A 811 -47.66 34.88 15.37
CA GLU A 811 -47.54 35.82 14.26
C GLU A 811 -46.88 35.17 13.04
N ASP A 812 -46.90 35.89 11.91
CA ASP A 812 -46.23 35.47 10.67
C ASP A 812 -45.38 36.62 10.14
N PHE A 813 -45.81 37.85 10.44
CA PHE A 813 -45.05 39.03 10.09
C PHE A 813 -43.56 38.67 10.05
N ASN A 814 -43.05 38.10 11.15
CA ASN A 814 -41.61 37.89 11.30
C ASN A 814 -41.08 36.54 10.85
N PHE A 815 -40.15 36.58 9.90
CA PHE A 815 -39.48 35.40 9.39
C PHE A 815 -38.00 35.45 9.73
N SER A 816 -37.46 34.33 10.19
CA SER A 816 -36.14 34.27 10.78
C SER A 816 -35.14 33.32 10.06
N LEU A 817 -33.89 33.72 10.02
CA LEU A 817 -32.85 32.91 9.39
C LEU A 817 -32.61 31.56 10.11
N GLY A 818 -32.43 31.61 11.44
CA GLY A 818 -32.35 30.41 12.24
C GLY A 818 -33.46 29.42 11.93
N GLU A 819 -34.72 29.87 12.06
CA GLU A 819 -35.89 29.03 11.76
C GLU A 819 -35.78 28.38 10.37
N SER A 820 -35.42 29.17 9.37
CA SER A 820 -35.36 28.70 8.00
C SER A 820 -34.33 27.61 7.74
N CYS A 821 -33.18 27.70 8.42
CA CYS A 821 -32.13 26.70 8.26
C CYS A 821 -32.46 25.39 8.93
N ILE A 822 -33.07 25.47 10.10
CA ILE A 822 -33.59 24.26 10.69
C ILE A 822 -34.56 23.55 9.73
N HIS A 823 -35.48 24.31 9.14
CA HIS A 823 -36.47 23.73 8.23
C HIS A 823 -35.82 23.15 7.01
N MET A 824 -34.81 23.86 6.51
CA MET A 824 -34.18 23.47 5.28
C MET A 824 -33.28 22.28 5.62
N ALA A 825 -32.59 22.41 6.75
CA ALA A 825 -31.71 21.36 7.18
C ALA A 825 -32.47 20.06 7.44
N ARG A 826 -33.61 20.14 8.13
CA ARG A 826 -34.36 18.96 8.46
C ARG A 826 -34.61 18.15 7.20
N ARG A 827 -34.96 18.85 6.12
CA ARG A 827 -35.40 18.19 4.89
C ARG A 827 -34.27 17.48 4.18
N LYS A 828 -33.12 18.13 4.13
CA LYS A 828 -31.93 17.50 3.63
C LYS A 828 -31.49 16.36 4.54
N ILE A 829 -31.60 16.53 5.85
CA ILE A 829 -31.20 15.41 6.68
C ILE A 829 -32.04 14.18 6.34
N ALA A 830 -33.37 14.33 6.28
CA ALA A 830 -34.24 13.17 6.13
C ALA A 830 -33.92 12.45 4.84
N LYS A 831 -33.60 13.21 3.80
CA LYS A 831 -33.27 12.61 2.51
C LYS A 831 -31.94 11.87 2.52
N LEU A 832 -30.96 12.39 3.25
CA LEU A 832 -29.66 11.72 3.40
C LEU A 832 -29.81 10.45 4.26
N ILE A 833 -30.56 10.59 5.36
CA ILE A 833 -30.51 9.68 6.50
C ILE A 833 -31.52 8.51 6.49
N GLY A 834 -32.69 8.72 5.89
CA GLY A 834 -33.78 7.75 5.93
C GLY A 834 -34.73 8.02 7.08
N ASP A 835 -35.87 7.33 7.09
CA ASP A 835 -36.88 7.48 8.15
C ASP A 835 -36.37 7.00 9.49
N VAL A 836 -35.42 6.08 9.42
CA VAL A 836 -34.98 5.33 10.56
C VAL A 836 -33.84 4.38 10.15
N PRO A 837 -32.91 4.10 11.07
CA PRO A 837 -31.69 3.32 10.84
C PRO A 837 -31.89 1.89 10.34
N SER A 838 -31.56 1.63 9.09
CA SER A 838 -31.72 0.30 8.49
C SER A 838 -31.24 -0.76 9.46
N VAL A 839 -31.97 -1.87 9.58
CA VAL A 839 -31.58 -2.96 10.47
C VAL A 839 -30.18 -3.40 10.10
N GLU A 840 -29.89 -3.29 8.81
CA GLU A 840 -28.63 -3.69 8.22
C GLU A 840 -27.52 -2.78 8.71
N GLY A 841 -27.72 -1.49 8.57
CA GLY A 841 -26.76 -0.53 9.09
C GLY A 841 -26.47 -0.85 10.54
N MET A 842 -27.52 -0.99 11.33
CA MET A 842 -27.37 -1.21 12.75
C MET A 842 -26.66 -2.53 12.93
N LEU A 843 -26.91 -3.42 11.98
CA LEU A 843 -26.36 -4.77 12.03
C LEU A 843 -24.87 -4.83 11.74
N ARG A 844 -24.39 -4.07 10.75
CA ARG A 844 -22.96 -4.12 10.42
C ARG A 844 -22.08 -3.12 11.21
N HIS A 845 -22.68 -2.24 12.00
CA HIS A 845 -21.91 -1.19 12.67
C HIS A 845 -21.80 -1.24 14.21
N CYS A 846 -22.76 -1.83 14.88
CA CYS A 846 -22.64 -2.08 16.32
C CYS A 846 -21.45 -2.95 16.66
N ARG A 847 -20.68 -2.50 17.62
CA ARG A 847 -19.52 -3.26 18.07
C ARG A 847 -19.13 -2.73 19.43
N PHE A 848 -18.34 -3.52 20.15
CA PHE A 848 -17.64 -3.00 21.30
C PHE A 848 -16.36 -2.40 20.83
N SER A 849 -15.84 -1.45 21.60
CA SER A 849 -14.45 -1.13 21.41
C SER A 849 -13.92 -0.16 22.39
N GLY A 850 -12.76 -0.52 22.93
CA GLY A 850 -11.82 0.49 23.33
C GLY A 850 -11.47 0.62 24.78
N GLY A 851 -12.16 1.52 25.45
CA GLY A 851 -11.79 1.86 26.80
C GLY A 851 -12.84 1.58 27.85
N ALA A 852 -12.89 2.47 28.83
CA ALA A 852 -13.74 2.29 29.98
C ALA A 852 -15.17 2.28 29.54
N THR A 853 -15.95 1.42 30.20
CA THR A 853 -17.37 1.60 30.25
C THR A 853 -17.70 1.68 31.73
N THR A 854 -18.95 1.98 31.98
CA THR A 854 -19.53 2.07 33.31
C THR A 854 -19.15 0.92 34.26
N THR A 855 -18.82 -0.23 33.68
CA THR A 855 -18.46 -1.43 34.45
C THR A 855 -16.97 -1.77 34.37
N ASN A 856 -16.33 -1.47 33.24
CA ASN A 856 -14.89 -1.71 33.08
C ASN A 856 -14.08 -0.43 33.15
N ASN A 857 -12.88 -0.54 33.70
CA ASN A 857 -11.93 0.55 33.69
C ASN A 857 -10.88 0.34 32.63
N ARG A 858 -10.02 1.34 32.49
CA ARG A 858 -8.97 1.34 31.48
C ARG A 858 -8.41 -0.06 31.29
N SER A 859 -8.06 -0.72 32.40
CA SER A 859 -7.46 -2.05 32.41
C SER A 859 -8.32 -3.11 31.71
N TYR A 860 -9.64 -2.94 31.77
CA TYR A 860 -10.52 -3.93 31.14
C TYR A 860 -11.25 -3.34 29.94
N GLY A 861 -10.58 -2.40 29.29
CA GLY A 861 -11.15 -1.66 28.18
C GLY A 861 -11.33 -2.46 26.91
N HIS A 862 -10.45 -3.44 26.68
CA HIS A 862 -10.46 -4.25 25.47
C HIS A 862 -11.82 -4.90 25.18
N PRO A 863 -12.22 -4.90 23.90
CA PRO A 863 -13.50 -5.52 23.51
C PRO A 863 -13.76 -6.93 24.11
N SER A 864 -12.70 -7.70 24.36
CA SER A 864 -12.86 -9.03 24.93
C SER A 864 -13.41 -9.00 26.36
N PHE A 865 -13.03 -7.98 27.13
CA PHE A 865 -13.56 -7.80 28.47
C PHE A 865 -14.97 -7.21 28.44
N LYS A 866 -15.45 -6.81 27.26
CA LYS A 866 -16.82 -6.29 27.16
C LYS A 866 -17.82 -7.42 26.90
N PHE A 867 -17.39 -8.43 26.12
CA PHE A 867 -18.14 -9.67 25.93
C PHE A 867 -17.98 -10.60 27.15
N ALA A 868 -16.82 -10.51 27.81
CA ALA A 868 -16.52 -11.34 28.96
C ALA A 868 -17.38 -10.97 30.18
N LEU A 869 -17.07 -9.84 30.81
CA LEU A 869 -17.86 -9.31 31.90
C LEU A 869 -19.20 -8.79 31.38
N PRO A 870 -20.29 -8.94 32.18
CA PRO A 870 -21.59 -8.28 31.96
C PRO A 870 -21.52 -6.74 31.92
N GLN A 871 -22.17 -6.14 30.90
CA GLN A 871 -22.12 -4.69 30.73
C GLN A 871 -23.40 -4.08 31.21
N ALA A 872 -23.32 -2.86 31.75
CA ALA A 872 -24.51 -2.14 32.16
C ALA A 872 -25.45 -1.91 30.97
N CYS A 873 -26.44 -1.06 31.17
CA CYS A 873 -27.41 -0.84 30.12
C CYS A 873 -28.62 -0.02 30.55
N THR A 874 -29.14 0.76 29.63
CA THR A 874 -30.16 1.75 29.96
C THR A 874 -31.56 1.13 29.91
N PRO A 875 -32.51 1.66 30.71
CA PRO A 875 -33.85 1.07 30.65
C PRO A 875 -34.36 1.07 29.19
N ARG A 876 -34.28 2.22 28.55
CA ARG A 876 -34.73 2.36 27.16
C ARG A 876 -33.90 1.53 26.17
N ALA A 877 -32.65 1.20 26.53
CA ALA A 877 -31.77 0.40 25.66
C ALA A 877 -31.92 -1.14 25.74
N LEU A 878 -32.77 -1.63 26.65
CA LEU A 878 -32.87 -3.05 26.96
C LEU A 878 -33.31 -3.94 25.79
N LYS A 879 -34.20 -3.41 24.96
CA LYS A 879 -34.74 -4.15 23.82
C LYS A 879 -33.64 -4.48 22.81
N TYR A 880 -32.61 -3.64 22.74
CA TYR A 880 -31.55 -3.83 21.77
C TYR A 880 -30.72 -5.01 22.25
N VAL A 881 -30.32 -4.97 23.50
CA VAL A 881 -29.60 -6.10 24.07
C VAL A 881 -30.40 -7.39 23.91
N LEU A 882 -31.68 -7.34 24.29
CA LEU A 882 -32.53 -8.51 24.19
C LEU A 882 -32.66 -8.91 22.73
N ALA A 883 -32.64 -7.93 21.84
CA ALA A 883 -32.72 -8.25 20.42
C ALA A 883 -31.41 -8.90 19.99
N LEU A 884 -30.32 -8.46 20.61
CA LEU A 884 -29.02 -9.00 20.30
C LEU A 884 -28.98 -10.44 20.80
N ARG A 885 -29.57 -10.65 21.99
CA ARG A 885 -29.60 -11.98 22.61
C ARG A 885 -30.42 -13.00 21.85
N ALA A 886 -31.54 -12.55 21.27
CA ALA A 886 -32.36 -13.43 20.45
C ALA A 886 -31.58 -13.67 19.19
N SER A 887 -30.58 -12.82 18.97
CA SER A 887 -29.79 -12.85 17.77
C SER A 887 -28.75 -13.96 17.84
N THR A 888 -28.36 -14.37 19.04
CA THR A 888 -27.27 -15.32 19.19
C THR A 888 -27.45 -16.42 20.25
N HIS A 889 -26.81 -17.55 19.99
CA HIS A 889 -26.81 -18.69 20.91
C HIS A 889 -25.81 -18.50 22.03
N PHE A 890 -24.96 -17.48 21.94
CA PHE A 890 -24.06 -17.20 23.04
C PHE A 890 -24.76 -16.41 24.12
N ASP A 891 -24.05 -16.24 25.23
CA ASP A 891 -24.59 -15.53 26.38
C ASP A 891 -24.43 -14.03 26.28
N ILE A 892 -25.54 -13.33 26.41
CA ILE A 892 -25.52 -11.89 26.42
C ILE A 892 -26.11 -11.37 27.71
N ARG A 893 -25.30 -11.15 28.74
CA ARG A 893 -25.90 -10.73 29.99
C ARG A 893 -25.72 -9.25 30.34
N ILE A 894 -26.83 -8.58 30.64
CA ILE A 894 -26.82 -7.24 31.26
C ILE A 894 -26.29 -7.37 32.67
N SER A 895 -25.42 -6.47 33.11
CA SER A 895 -24.98 -6.52 34.49
C SER A 895 -26.04 -5.78 35.29
N ASP A 896 -26.21 -4.50 35.01
CA ASP A 896 -27.20 -3.67 35.68
C ASP A 896 -28.09 -2.98 34.66
N ILE A 897 -29.26 -2.54 35.08
CA ILE A 897 -30.16 -1.86 34.18
C ILE A 897 -30.44 -0.47 34.71
N SER A 898 -29.38 0.32 34.82
CA SER A 898 -29.44 1.73 35.22
C SER A 898 -29.51 2.76 34.06
N PRO A 899 -29.96 3.98 34.39
CA PRO A 899 -30.03 5.06 33.42
C PRO A 899 -28.84 6.00 33.54
N PHE A 900 -27.85 5.62 34.33
CA PHE A 900 -26.75 6.56 34.55
C PHE A 900 -25.48 6.28 33.75
N ASN A 901 -24.71 7.35 33.52
CA ASN A 901 -23.35 7.26 33.03
C ASN A 901 -22.46 8.02 34.02
N LYS A 902 -21.14 7.98 33.79
CA LYS A 902 -20.18 8.65 34.66
C LYS A 902 -19.54 9.86 33.99
N ALA A 903 -19.81 11.06 34.49
CA ALA A 903 -19.04 12.19 34.02
C ALA A 903 -17.71 12.13 34.74
N VAL A 904 -16.60 12.32 34.03
CA VAL A 904 -15.30 12.24 34.68
C VAL A 904 -14.45 13.35 34.19
N THR A 905 -13.14 13.12 34.14
CA THR A 905 -12.24 14.21 33.83
C THR A 905 -10.90 13.79 33.22
N VAL A 906 -10.59 14.39 32.07
CA VAL A 906 -9.29 14.22 31.41
C VAL A 906 -8.63 15.58 31.16
N PRO A 907 -7.29 15.59 30.95
CA PRO A 907 -6.55 16.83 30.68
C PRO A 907 -6.87 17.45 29.33
N LYS A 908 -6.76 18.77 29.27
CA LYS A 908 -6.93 19.51 28.02
C LYS A 908 -5.80 20.54 27.90
N ASN A 909 -5.96 21.65 28.61
CA ASN A 909 -4.94 22.68 28.71
C ASN A 909 -4.23 22.69 30.04
N SER A 910 -3.50 23.77 30.23
CA SER A 910 -2.96 24.12 31.53
C SER A 910 -4.06 24.86 32.29
N LYS A 911 -4.96 25.50 31.53
CA LYS A 911 -6.03 26.33 32.09
C LYS A 911 -7.28 25.55 32.51
N THR A 912 -7.56 24.44 31.85
CA THR A 912 -8.80 23.72 32.13
C THR A 912 -8.70 22.24 31.74
N ASP A 913 -9.48 21.40 32.41
CA ASP A 913 -9.60 19.99 31.99
C ASP A 913 -10.73 19.85 30.99
N ARG A 914 -11.08 18.61 30.69
CA ARG A 914 -12.23 18.29 29.84
C ARG A 914 -13.07 17.20 30.48
N CYS A 915 -14.35 17.46 30.71
CA CYS A 915 -15.23 16.41 31.21
C CYS A 915 -15.65 15.53 30.06
N ILE A 916 -15.62 14.23 30.27
CA ILE A 916 -16.27 13.38 29.30
C ILE A 916 -17.25 12.53 30.04
N ALA A 917 -17.82 11.55 29.35
CA ALA A 917 -18.71 10.63 30.01
C ALA A 917 -18.33 9.23 29.59
N ILE A 918 -18.35 8.33 30.57
CA ILE A 918 -18.10 6.91 30.38
C ILE A 918 -19.44 6.19 30.31
N GLU A 919 -19.73 5.52 29.20
CA GLU A 919 -21.08 5.04 28.99
C GLU A 919 -21.30 3.61 29.45
N PRO A 920 -22.55 3.27 29.70
CA PRO A 920 -22.86 1.86 29.92
C PRO A 920 -22.47 1.10 28.67
N GLY A 921 -21.72 0.03 28.82
CA GLY A 921 -21.11 -0.65 27.70
C GLY A 921 -22.02 -1.16 26.62
N TRP A 922 -23.21 -1.62 26.99
CA TRP A 922 -24.16 -2.11 25.99
C TRP A 922 -24.71 -0.96 25.17
N ASN A 923 -24.98 0.16 25.84
CA ASN A 923 -25.33 1.40 25.18
C ASN A 923 -24.30 1.82 24.15
N MET A 924 -23.02 1.72 24.53
CA MET A 924 -21.94 1.97 23.61
C MET A 924 -22.07 1.04 22.39
N PHE A 925 -22.23 -0.25 22.67
CA PHE A 925 -22.30 -1.22 21.60
C PHE A 925 -23.24 -0.74 20.51
N PHE A 926 -24.28 0.01 20.89
CA PHE A 926 -25.26 0.42 19.90
C PHE A 926 -25.02 1.82 19.38
N GLN A 927 -24.44 2.69 20.19
CA GLN A 927 -24.07 4.00 19.69
C GLN A 927 -22.98 3.91 18.60
N LEU A 928 -22.11 2.92 18.68
CA LEU A 928 -21.19 2.69 17.58
C LEU A 928 -21.91 2.28 16.29
N GLY A 929 -22.98 1.51 16.40
CA GLY A 929 -23.78 1.21 15.24
C GLY A 929 -24.34 2.43 14.50
N ILE A 930 -25.03 3.32 15.21
CA ILE A 930 -25.55 4.48 14.53
C ILE A 930 -24.35 5.33 14.07
N GLY A 931 -23.35 5.45 14.93
CA GLY A 931 -22.17 6.19 14.56
C GLY A 931 -21.59 5.69 13.26
N GLY A 932 -21.57 4.37 13.09
CA GLY A 932 -21.04 3.71 11.91
C GLY A 932 -21.93 3.98 10.72
N ILE A 933 -23.25 3.88 10.90
CA ILE A 933 -24.11 4.26 9.79
C ILE A 933 -24.04 5.74 9.41
N LEU A 934 -24.09 6.67 10.37
CA LEU A 934 -23.95 8.08 9.98
C LEU A 934 -22.64 8.29 9.22
N ARG A 935 -21.59 7.61 9.65
CA ARG A 935 -20.32 7.70 8.95
C ARG A 935 -20.46 7.43 7.47
N ASP A 936 -21.27 6.46 7.04
CA ASP A 936 -21.43 6.21 5.60
C ASP A 936 -22.29 7.25 4.94
N ARG A 937 -23.51 7.40 5.42
CA ARG A 937 -24.40 8.44 4.93
C ARG A 937 -23.68 9.78 4.72
N LEU A 938 -22.81 10.20 5.63
CA LEU A 938 -22.10 11.45 5.43
C LEU A 938 -21.27 11.48 4.16
N ARG A 939 -20.82 10.32 3.69
CA ARG A 939 -20.03 10.25 2.46
C ARG A 939 -20.76 10.91 1.30
N CYS A 940 -22.06 10.75 1.24
CA CYS A 940 -22.84 11.38 0.19
C CYS A 940 -22.88 12.90 0.24
N TRP A 941 -22.36 13.52 1.30
CA TRP A 941 -22.26 14.98 1.34
C TRP A 941 -20.80 15.40 1.17
N GLY A 942 -20.00 14.45 0.72
CA GLY A 942 -18.57 14.64 0.64
C GLY A 942 -17.86 14.77 1.97
N ILE A 943 -18.52 14.42 3.06
CA ILE A 943 -17.80 14.32 4.33
C ILE A 943 -17.28 12.90 4.52
N ASP A 944 -15.97 12.78 4.72
CA ASP A 944 -15.34 11.50 5.03
C ASP A 944 -14.62 11.60 6.37
N LEU A 945 -15.24 11.02 7.39
CA LEU A 945 -14.80 11.18 8.78
C LEU A 945 -13.58 10.34 9.19
N ASN A 946 -13.14 9.46 8.31
CA ASN A 946 -11.90 8.74 8.55
C ASN A 946 -10.70 9.58 8.17
N ASP A 947 -10.92 10.50 7.24
CA ASP A 947 -9.86 11.20 6.55
C ASP A 947 -9.73 12.67 6.96
N GLN A 948 -8.99 12.98 8.02
CA GLN A 948 -8.86 14.38 8.46
C GLN A 948 -8.09 15.11 7.37
N THR A 949 -7.61 14.33 6.42
CA THR A 949 -6.74 14.79 5.36
C THR A 949 -7.39 15.86 4.53
N ILE A 950 -8.65 15.65 4.18
CA ILE A 950 -9.27 16.55 3.24
C ILE A 950 -9.50 17.88 3.97
N ASN A 951 -9.70 17.86 5.28
CA ASN A 951 -9.89 19.13 5.98
C ASN A 951 -8.62 19.94 6.20
N GLN A 952 -7.48 19.35 5.90
CA GLN A 952 -6.22 20.03 6.12
C GLN A 952 -5.80 20.74 4.86
N ARG A 953 -6.01 20.09 3.73
CA ARG A 953 -5.78 20.72 2.45
C ARG A 953 -6.69 21.91 2.29
N ARG A 954 -7.98 21.71 2.44
CA ARG A 954 -8.87 22.84 2.38
C ARG A 954 -8.47 23.99 3.36
N ALA A 955 -7.81 23.65 4.46
CA ALA A 955 -7.27 24.68 5.37
C ALA A 955 -6.10 25.44 4.73
N HIS A 956 -5.29 24.72 3.98
CA HIS A 956 -4.12 25.26 3.31
C HIS A 956 -4.57 26.12 2.13
N GLU A 957 -5.70 25.75 1.55
CA GLU A 957 -6.24 26.46 0.42
C GLU A 957 -6.86 27.73 0.93
N GLY A 958 -7.73 27.60 1.91
CA GLY A 958 -8.29 28.76 2.55
C GLY A 958 -7.21 29.77 2.85
N SER A 959 -5.99 29.26 2.90
CA SER A 959 -4.90 30.00 3.45
C SER A 959 -4.28 30.93 2.42
N VAL A 960 -4.17 30.47 1.19
CA VAL A 960 -3.65 31.34 0.15
C VAL A 960 -4.81 32.09 -0.49
N THR A 961 -5.80 31.32 -0.85
CA THR A 961 -7.08 31.80 -1.39
C THR A 961 -7.93 32.81 -0.57
N ASN A 962 -8.13 32.62 0.72
CA ASN A 962 -9.07 33.43 1.49
C ASN A 962 -10.54 33.27 1.12
N ASN A 963 -10.86 32.29 0.26
CA ASN A 963 -12.26 32.04 -0.07
C ASN A 963 -12.93 30.98 0.78
N LEU A 964 -12.14 30.33 1.65
CA LEU A 964 -12.64 29.34 2.57
C LEU A 964 -12.40 29.81 3.99
N ALA A 965 -13.33 29.52 4.88
CA ALA A 965 -13.09 29.83 6.27
C ALA A 965 -12.90 28.54 7.03
N THR A 966 -12.12 28.58 8.09
CA THR A 966 -12.10 27.54 9.09
C THR A 966 -12.80 28.12 10.34
N VAL A 967 -13.83 27.42 10.79
CA VAL A 967 -14.58 27.91 11.94
C VAL A 967 -14.60 26.91 13.07
N ASP A 968 -14.66 27.44 14.29
CA ASP A 968 -14.55 26.63 15.48
C ASP A 968 -15.60 26.97 16.53
N LEU A 969 -16.37 25.97 16.92
CA LEU A 969 -17.35 26.17 17.98
C LEU A 969 -16.72 25.85 19.31
N SER A 970 -17.13 26.60 20.35
CA SER A 970 -16.64 26.39 21.71
C SER A 970 -17.03 25.03 22.29
N ALA A 971 -17.92 25.01 23.27
CA ALA A 971 -18.21 23.74 23.93
C ALA A 971 -19.02 22.83 23.02
N ALA A 972 -18.48 22.55 21.83
CA ALA A 972 -19.17 21.90 20.72
C ALA A 972 -20.17 20.82 21.09
N SER A 973 -19.64 19.66 21.47
CA SER A 973 -20.47 18.47 21.66
C SER A 973 -21.07 18.46 23.05
N ASP A 974 -21.32 19.65 23.57
CA ASP A 974 -21.91 19.82 24.88
C ASP A 974 -23.03 20.81 24.74
N SER A 975 -23.15 21.39 23.56
CA SER A 975 -24.18 22.41 23.33
C SER A 975 -25.29 21.94 22.39
N ILE A 976 -25.22 20.69 21.97
CA ILE A 976 -26.22 20.12 21.09
C ILE A 976 -27.37 19.67 21.95
N SER A 977 -28.39 20.50 22.08
CA SER A 977 -29.46 20.20 22.99
C SER A 977 -30.35 19.16 22.39
N LEU A 978 -31.16 18.53 23.24
CA LEU A 978 -32.21 17.62 22.84
C LEU A 978 -33.16 18.26 21.83
N ALA A 979 -33.55 19.50 22.12
CA ALA A 979 -34.54 20.22 21.33
C ALA A 979 -34.08 20.28 19.91
N LEU A 980 -32.91 20.89 19.70
CA LEU A 980 -32.36 20.96 18.36
C LEU A 980 -32.30 19.60 17.59
N CYS A 981 -31.89 18.51 18.24
CA CYS A 981 -31.84 17.23 17.51
C CYS A 981 -33.18 16.80 17.04
N GLU A 982 -34.18 17.18 17.82
CA GLU A 982 -35.51 16.63 17.60
C GLU A 982 -36.19 17.36 16.47
N LEU A 983 -35.82 18.62 16.28
CA LEU A 983 -36.31 19.41 15.15
C LEU A 983 -35.73 18.93 13.82
N LEU A 984 -34.53 18.36 13.88
CA LEU A 984 -33.72 18.14 12.70
C LEU A 984 -33.80 16.68 12.17
N LEU A 985 -33.93 15.72 13.09
CA LEU A 985 -33.80 14.30 12.73
C LEU A 985 -35.16 13.69 12.45
N PRO A 986 -35.22 12.74 11.52
CA PRO A 986 -36.46 11.99 11.40
C PRO A 986 -36.87 11.52 12.78
N PRO A 987 -38.19 11.43 13.08
CA PRO A 987 -38.61 10.93 14.39
C PRO A 987 -38.12 9.53 14.66
N GLY A 988 -38.16 8.66 13.64
CA GLY A 988 -37.62 7.32 13.83
C GLY A 988 -36.20 7.39 14.38
N TRP A 989 -35.35 8.22 13.78
CA TRP A 989 -33.97 8.35 14.25
C TRP A 989 -33.94 8.94 15.65
N PHE A 990 -34.59 10.08 15.84
CA PHE A 990 -34.56 10.69 17.16
C PHE A 990 -34.97 9.72 18.29
N GLU A 991 -36.03 8.96 18.07
CA GLU A 991 -36.39 8.00 19.08
C GLU A 991 -35.19 7.14 19.41
N VAL A 992 -34.66 6.46 18.40
CA VAL A 992 -33.49 5.61 18.56
C VAL A 992 -32.32 6.35 19.23
N LEU A 993 -32.10 7.59 18.88
CA LEU A 993 -31.08 8.29 19.63
C LEU A 993 -31.43 8.47 21.13
N MET A 994 -32.72 8.61 21.44
CA MET A 994 -33.10 8.71 22.84
C MET A 994 -33.05 7.35 23.55
N ASP A 995 -33.22 6.27 22.78
CA ASP A 995 -33.15 4.94 23.35
C ASP A 995 -31.71 4.73 23.77
N LEU A 996 -30.82 5.04 22.83
CA LEU A 996 -29.40 4.73 22.95
C LEU A 996 -28.57 5.69 23.79
N ARG A 997 -29.07 6.89 24.06
CA ARG A 997 -28.31 7.80 24.92
C ARG A 997 -28.36 7.42 26.41
N SER A 998 -27.39 7.95 27.15
CA SER A 998 -27.49 7.99 28.59
C SER A 998 -28.23 9.25 29.01
N PRO A 999 -29.43 9.08 29.60
CA PRO A 999 -30.32 10.17 30.01
C PRO A 999 -29.86 10.90 31.26
N LYS A 1000 -29.32 10.18 32.23
CA LYS A 1000 -28.94 10.83 33.48
C LYS A 1000 -27.42 10.83 33.71
N GLY A 1001 -26.93 11.77 34.49
CA GLY A 1001 -25.51 11.83 34.78
C GLY A 1001 -25.16 11.43 36.20
N ARG A 1002 -23.92 11.03 36.43
CA ARG A 1002 -23.46 10.64 37.76
C ARG A 1002 -22.07 11.20 38.01
N LEU A 1003 -22.01 12.32 38.70
CA LEU A 1003 -20.75 13.04 38.84
C LEU A 1003 -19.84 12.45 39.93
N PRO A 1004 -18.54 12.80 39.88
CA PRO A 1004 -17.66 12.38 40.98
C PRO A 1004 -18.20 12.87 42.32
N ASP A 1005 -18.72 14.10 42.36
CA ASP A 1005 -19.28 14.72 43.57
C ASP A 1005 -20.48 13.94 44.13
N GLY A 1006 -20.80 12.78 43.53
CA GLY A 1006 -21.92 11.94 43.95
C GLY A 1006 -23.28 12.43 43.47
N SER A 1007 -23.37 13.70 43.05
CA SER A 1007 -24.64 14.32 42.70
C SER A 1007 -25.29 13.70 41.47
N VAL A 1008 -26.05 14.52 40.73
CA VAL A 1008 -26.72 14.05 39.52
C VAL A 1008 -27.00 15.18 38.51
N VAL A 1009 -27.16 14.81 37.24
CA VAL A 1009 -27.69 15.71 36.23
C VAL A 1009 -28.61 14.91 35.34
N THR A 1010 -29.73 15.53 34.97
CA THR A 1010 -30.60 14.92 33.96
C THR A 1010 -30.29 15.67 32.67
N TYR A 1011 -29.53 15.03 31.79
CA TYR A 1011 -28.91 15.74 30.67
C TYR A 1011 -29.94 16.48 29.83
N GLU A 1012 -29.55 17.72 29.55
CA GLU A 1012 -30.27 18.69 28.76
C GLU A 1012 -29.75 18.58 27.31
N LYS A 1013 -28.44 18.44 27.15
CA LYS A 1013 -27.83 18.20 25.84
C LYS A 1013 -28.25 16.80 25.49
N ILE A 1014 -28.11 16.44 24.22
CA ILE A 1014 -28.54 15.12 23.77
C ILE A 1014 -27.54 14.11 24.23
N SER A 1015 -26.26 14.49 24.15
CA SER A 1015 -25.17 13.59 24.52
C SER A 1015 -23.84 14.30 24.64
N SER A 1016 -22.92 13.58 25.27
CA SER A 1016 -21.62 14.06 25.68
C SER A 1016 -20.64 13.24 24.86
N MET A 1017 -19.46 13.79 24.64
CA MET A 1017 -18.43 13.04 23.97
C MET A 1017 -18.04 11.90 24.90
N GLY A 1018 -17.86 10.72 24.33
CA GLY A 1018 -17.82 9.50 25.12
C GLY A 1018 -18.90 8.62 24.58
N ASN A 1019 -19.94 9.25 24.07
CA ASN A 1019 -21.06 8.56 23.45
C ASN A 1019 -20.70 8.11 22.03
N GLY A 1020 -21.00 6.88 21.65
CA GLY A 1020 -20.42 6.33 20.45
C GLY A 1020 -20.91 6.91 19.14
N TYR A 1021 -21.67 7.96 19.23
CA TYR A 1021 -22.15 8.61 18.03
C TYR A 1021 -22.23 10.13 18.14
N THR A 1022 -21.79 10.71 19.25
CA THR A 1022 -21.97 12.15 19.31
C THR A 1022 -21.04 12.87 18.33
N PHE A 1023 -20.02 12.18 17.86
CA PHE A 1023 -19.05 12.84 17.01
C PHE A 1023 -19.59 12.90 15.59
N GLU A 1024 -20.19 11.81 15.12
CA GLU A 1024 -20.88 11.76 13.81
C GLU A 1024 -22.21 12.51 13.81
N LEU A 1025 -22.87 12.60 14.94
CA LEU A 1025 -24.10 13.33 15.01
C LEU A 1025 -23.78 14.80 14.97
N GLU A 1026 -22.64 15.19 15.48
CA GLU A 1026 -22.43 16.63 15.57
C GLU A 1026 -21.89 17.05 14.22
N SER A 1027 -21.31 16.09 13.51
CA SER A 1027 -20.77 16.38 12.21
C SER A 1027 -21.94 16.68 11.31
N LEU A 1028 -22.91 15.78 11.34
CA LEU A 1028 -24.08 15.91 10.49
C LEU A 1028 -24.97 17.10 10.86
N ILE A 1029 -25.15 17.39 12.14
CA ILE A 1029 -25.85 18.61 12.50
C ILE A 1029 -25.20 19.83 11.87
N PHE A 1030 -23.89 19.96 12.10
CA PHE A 1030 -23.10 21.10 11.63
C PHE A 1030 -23.06 21.23 10.12
N ALA A 1031 -22.77 20.14 9.41
CA ALA A 1031 -22.83 20.13 7.96
C ALA A 1031 -24.19 20.59 7.44
N SER A 1032 -25.23 19.83 7.78
CA SER A 1032 -26.59 20.18 7.36
C SER A 1032 -26.90 21.67 7.55
N LEU A 1033 -26.60 22.26 8.72
CA LEU A 1033 -26.84 23.72 8.91
C LEU A 1033 -26.02 24.58 8.01
N ALA A 1034 -24.73 24.28 7.90
CA ALA A 1034 -23.91 25.12 7.08
C ALA A 1034 -24.28 24.96 5.59
N ARG A 1035 -24.64 23.75 5.15
CA ARG A 1035 -25.14 23.61 3.79
C ARG A 1035 -26.39 24.46 3.54
N SER A 1036 -27.31 24.46 4.49
CA SER A 1036 -28.51 25.28 4.37
C SER A 1036 -28.16 26.74 4.26
N VAL A 1037 -27.09 27.14 4.94
CA VAL A 1037 -26.69 28.53 4.85
C VAL A 1037 -26.18 28.81 3.45
N CYS A 1038 -25.33 27.92 2.94
CA CYS A 1038 -25.03 27.90 1.52
C CYS A 1038 -26.21 28.13 0.56
N GLU A 1039 -27.26 27.33 0.61
CA GLU A 1039 -28.38 27.58 -0.30
C GLU A 1039 -29.01 28.92 -0.06
N ILE A 1040 -29.26 29.25 1.19
CA ILE A 1040 -29.86 30.54 1.52
C ILE A 1040 -29.05 31.73 0.95
N LEU A 1041 -27.73 31.58 0.82
CA LEU A 1041 -26.87 32.61 0.19
C LEU A 1041 -26.45 32.34 -1.28
N ASP A 1042 -26.94 31.28 -1.91
CA ASP A 1042 -26.56 30.99 -3.30
C ASP A 1042 -25.10 30.57 -3.44
N LEU A 1043 -24.56 29.92 -2.40
CA LEU A 1043 -23.26 29.27 -2.49
C LEU A 1043 -23.40 27.78 -2.71
N ASP A 1044 -22.37 27.17 -3.23
CA ASP A 1044 -22.43 25.74 -3.46
C ASP A 1044 -22.31 24.94 -2.12
N SER A 1045 -23.33 24.16 -1.79
CA SER A 1045 -23.27 23.31 -0.61
C SER A 1045 -22.03 22.39 -0.59
N SER A 1046 -21.54 22.01 -1.77
CA SER A 1046 -20.45 21.08 -1.83
C SER A 1046 -19.18 21.76 -1.35
N GLU A 1047 -19.27 23.05 -1.06
CA GLU A 1047 -18.12 23.78 -0.54
C GLU A 1047 -18.03 23.60 0.97
N VAL A 1048 -19.02 22.92 1.54
CA VAL A 1048 -19.06 22.63 2.97
C VAL A 1048 -18.39 21.31 3.28
N THR A 1049 -17.58 21.35 4.31
CA THR A 1049 -16.87 20.18 4.71
C THR A 1049 -16.68 20.23 6.22
N VAL A 1050 -16.77 19.08 6.86
CA VAL A 1050 -16.87 19.04 8.30
C VAL A 1050 -16.31 17.77 8.88
N TYR A 1051 -15.45 17.91 9.88
CA TYR A 1051 -14.90 16.80 10.66
C TYR A 1051 -15.13 17.11 12.15
N GLY A 1052 -16.10 16.42 12.75
CA GLY A 1052 -16.46 16.76 14.11
C GLY A 1052 -16.94 18.17 14.09
N ASP A 1053 -16.30 19.04 14.84
CA ASP A 1053 -16.74 20.43 14.84
C ASP A 1053 -15.75 21.33 14.08
N ASP A 1054 -14.77 20.74 13.40
CA ASP A 1054 -13.89 21.51 12.52
C ASP A 1054 -14.65 21.68 11.23
N ILE A 1055 -15.15 22.90 11.01
CA ILE A 1055 -16.03 23.17 9.88
C ILE A 1055 -15.33 24.07 8.87
N ILE A 1056 -15.54 23.81 7.59
CA ILE A 1056 -14.95 24.63 6.56
C ILE A 1056 -16.01 24.87 5.50
N LEU A 1057 -16.32 26.13 5.24
CA LEU A 1057 -17.32 26.51 4.24
C LEU A 1057 -16.88 27.86 3.68
N PRO A 1058 -17.40 28.28 2.53
CA PRO A 1058 -17.02 29.56 1.93
C PRO A 1058 -17.03 30.76 2.92
N SER A 1059 -16.02 31.61 2.79
CA SER A 1059 -15.85 32.71 3.70
C SER A 1059 -17.06 33.63 3.82
N CYS A 1060 -17.87 33.70 2.76
CA CYS A 1060 -19.06 34.55 2.74
C CYS A 1060 -20.17 34.01 3.61
N ALA A 1061 -20.18 32.69 3.80
CA ALA A 1061 -21.22 32.01 4.56
C ALA A 1061 -21.10 32.22 6.05
N VAL A 1062 -20.03 32.85 6.51
CA VAL A 1062 -19.73 32.79 7.94
C VAL A 1062 -20.62 33.70 8.80
N PRO A 1063 -20.79 34.97 8.42
CA PRO A 1063 -21.64 35.81 9.26
C PRO A 1063 -23.04 35.23 9.41
N ALA A 1064 -23.52 34.56 8.37
CA ALA A 1064 -24.81 33.93 8.42
C ALA A 1064 -24.70 32.73 9.33
N LEU A 1065 -23.80 31.81 9.01
CA LEU A 1065 -23.47 30.68 9.89
C LEU A 1065 -23.39 31.07 11.34
N ARG A 1066 -22.75 32.20 11.63
CA ARG A 1066 -22.67 32.71 12.99
C ARG A 1066 -24.05 32.92 13.61
N GLU A 1067 -24.96 33.54 12.87
CA GLU A 1067 -26.27 33.87 13.41
C GLU A 1067 -27.12 32.63 13.61
N VAL A 1068 -27.17 31.78 12.58
CA VAL A 1068 -27.80 30.46 12.69
C VAL A 1068 -27.32 29.73 13.94
N PHE A 1069 -26.00 29.60 14.08
CA PHE A 1069 -25.43 28.94 15.25
C PHE A 1069 -25.90 29.58 16.54
N LYS A 1070 -25.85 30.90 16.63
CA LYS A 1070 -26.37 31.56 17.82
C LYS A 1070 -27.82 31.16 18.08
N TYR A 1071 -28.65 31.17 17.04
CA TYR A 1071 -30.05 30.81 17.22
C TYR A 1071 -30.17 29.41 17.74
N VAL A 1072 -29.44 28.46 17.17
CA VAL A 1072 -29.70 27.07 17.50
C VAL A 1072 -29.00 26.56 18.74
N GLY A 1073 -28.35 27.46 19.48
CA GLY A 1073 -27.77 27.09 20.76
C GLY A 1073 -26.26 27.26 20.88
N PHE A 1074 -25.53 27.00 19.80
CA PHE A 1074 -24.09 27.03 19.79
C PHE A 1074 -23.48 28.40 20.00
N THR A 1075 -22.22 28.38 20.42
CA THR A 1075 -21.47 29.62 20.54
C THR A 1075 -20.16 29.49 19.73
N THR A 1076 -19.99 30.36 18.76
CA THR A 1076 -18.84 30.19 17.90
C THR A 1076 -17.60 30.84 18.49
N ASN A 1077 -16.52 30.09 18.55
CA ASN A 1077 -15.28 30.59 19.14
C ASN A 1077 -14.56 31.63 18.29
N THR A 1078 -14.94 32.89 18.44
CA THR A 1078 -14.40 33.98 17.63
C THR A 1078 -12.87 33.96 17.50
N LYS A 1079 -12.18 33.53 18.54
CA LYS A 1079 -10.72 33.49 18.53
C LYS A 1079 -10.13 32.45 17.58
N LYS A 1080 -10.76 31.29 17.47
CA LYS A 1080 -10.18 30.20 16.69
C LYS A 1080 -10.87 30.07 15.34
N THR A 1081 -11.64 31.08 14.98
CA THR A 1081 -12.30 30.98 13.70
C THR A 1081 -11.86 32.08 12.75
N PHE A 1082 -11.38 31.66 11.58
CA PHE A 1082 -10.76 32.60 10.70
C PHE A 1082 -11.47 32.58 9.35
N SER A 1083 -11.90 33.77 8.93
CA SER A 1083 -12.64 33.89 7.69
C SER A 1083 -12.02 34.97 6.80
N GLU A 1084 -10.86 35.44 7.26
CA GLU A 1084 -10.03 36.45 6.59
C GLU A 1084 -8.67 36.48 7.28
N GLY A 1085 -7.70 37.16 6.69
CA GLY A 1085 -6.35 37.09 7.21
C GLY A 1085 -5.63 35.92 6.58
N PRO A 1086 -4.31 35.84 6.79
CA PRO A 1086 -3.45 34.82 6.17
C PRO A 1086 -3.51 33.46 6.88
N PHE A 1087 -4.11 33.43 8.07
CA PHE A 1087 -4.15 32.21 8.85
C PHE A 1087 -5.43 31.34 8.75
N ARG A 1088 -5.23 30.03 8.59
CA ARG A 1088 -6.28 29.03 8.75
C ARG A 1088 -5.75 27.83 9.57
N GLU A 1089 -6.61 27.13 10.31
CA GLU A 1089 -6.23 25.90 11.00
C GLU A 1089 -7.37 24.91 10.86
N SER A 1090 -7.05 23.67 10.54
CA SER A 1090 -8.07 22.66 10.59
C SER A 1090 -7.48 21.26 10.78
N CYS A 1091 -8.01 20.55 11.79
CA CYS A 1091 -7.67 19.16 12.04
C CYS A 1091 -6.21 18.96 12.26
N GLY A 1092 -5.58 19.82 13.06
CA GLY A 1092 -4.21 19.54 13.46
C GLY A 1092 -3.15 20.28 12.68
N LYS A 1093 -3.51 20.78 11.50
CA LYS A 1093 -2.59 21.50 10.66
C LYS A 1093 -2.91 23.00 10.69
N HIS A 1094 -1.88 23.84 10.78
CA HIS A 1094 -2.13 25.27 10.84
C HIS A 1094 -1.39 25.95 9.70
N TYR A 1095 -2.07 26.81 8.93
CA TYR A 1095 -1.41 27.36 7.76
C TYR A 1095 -1.40 28.86 7.75
N TYR A 1096 -0.32 29.40 7.20
CA TYR A 1096 -0.15 30.84 7.04
C TYR A 1096 0.33 31.13 5.62
N SER A 1097 -0.49 31.88 4.87
CA SER A 1097 -0.21 32.09 3.46
C SER A 1097 0.37 30.84 2.81
N GLY A 1098 -0.05 29.67 3.25
CA GLY A 1098 0.23 28.45 2.53
C GLY A 1098 1.42 27.69 3.05
N VAL A 1099 2.21 28.32 3.92
CA VAL A 1099 3.31 27.60 4.53
C VAL A 1099 2.84 26.97 5.84
N ASP A 1100 3.19 25.71 6.03
CA ASP A 1100 2.77 25.01 7.21
C ASP A 1100 3.36 25.67 8.47
N VAL A 1101 2.53 25.98 9.46
CA VAL A 1101 3.03 26.62 10.67
C VAL A 1101 2.49 25.89 11.85
N THR A 1102 2.21 24.61 11.64
CA THR A 1102 1.70 23.81 12.73
C THR A 1102 2.78 23.58 13.78
N PRO A 1103 2.46 23.85 15.04
CA PRO A 1103 3.43 23.87 16.12
C PRO A 1103 3.66 22.51 16.72
N PHE A 1104 4.32 22.48 17.87
CA PHE A 1104 4.30 21.31 18.70
C PHE A 1104 4.17 21.69 20.14
N TYR A 1105 3.79 20.73 20.97
CA TYR A 1105 3.39 21.00 22.32
C TYR A 1105 4.23 20.18 23.23
N ILE A 1106 4.76 20.81 24.26
CA ILE A 1106 5.35 20.02 25.32
C ILE A 1106 4.28 19.82 26.40
N ARG A 1107 3.72 18.62 26.47
CA ARG A 1107 2.63 18.41 27.40
C ARG A 1107 3.02 18.06 28.84
N HIS A 1108 4.25 17.61 29.08
CA HIS A 1108 4.60 16.99 30.37
C HIS A 1108 5.96 17.34 30.94
N ARG A 1109 6.13 17.14 32.25
CA ARG A 1109 7.45 17.32 32.84
C ARG A 1109 8.32 16.32 32.13
N ILE A 1110 9.42 16.76 31.55
CA ILE A 1110 10.26 15.75 30.91
C ILE A 1110 11.18 15.20 31.99
N VAL A 1111 11.30 13.88 32.06
CA VAL A 1111 11.90 13.26 33.21
C VAL A 1111 12.67 12.04 32.75
N SER A 1112 12.16 11.30 31.80
CA SER A 1112 12.90 10.15 31.29
C SER A 1112 13.59 10.52 29.99
N PRO A 1113 14.64 9.79 29.65
CA PRO A 1113 15.21 9.95 28.32
C PRO A 1113 14.12 9.96 27.25
N ALA A 1114 13.24 8.98 27.23
CA ALA A 1114 12.11 9.03 26.28
C ALA A 1114 11.38 10.39 26.21
N ASP A 1115 11.01 10.97 27.35
CA ASP A 1115 10.43 12.32 27.33
C ASP A 1115 11.27 13.28 26.52
N LEU A 1116 12.56 13.34 26.82
CA LEU A 1116 13.45 14.23 26.10
C LEU A 1116 13.51 13.86 24.64
N ILE A 1117 13.75 12.60 24.31
CA ILE A 1117 13.85 12.19 22.93
C ILE A 1117 12.63 12.68 22.18
N LEU A 1118 11.45 12.45 22.76
CA LEU A 1118 10.22 12.93 22.12
C LEU A 1118 10.26 14.43 21.85
N VAL A 1119 10.54 15.26 22.87
CA VAL A 1119 10.65 16.71 22.59
C VAL A 1119 11.71 17.00 21.55
N LEU A 1120 12.90 16.46 21.71
CA LEU A 1120 13.89 16.64 20.64
C LEU A 1120 13.42 16.15 19.23
N ASN A 1121 12.62 15.09 19.14
CA ASN A 1121 12.08 14.84 17.79
C ASN A 1121 11.00 15.81 17.29
N ASN A 1122 10.14 16.26 18.19
CA ASN A 1122 9.22 17.29 17.78
C ASN A 1122 9.95 18.53 17.34
N LEU A 1123 11.04 18.82 18.00
CA LEU A 1123 11.89 19.89 17.51
C LEU A 1123 12.37 19.54 16.12
N TYR A 1124 12.88 18.33 15.97
CA TYR A 1124 13.44 17.94 14.72
C TYR A 1124 12.43 18.13 13.63
N ARG A 1125 11.22 17.60 13.80
CA ARG A 1125 10.29 17.61 12.68
C ARG A 1125 9.77 18.98 12.34
N TRP A 1126 9.62 19.82 13.36
CA TRP A 1126 9.15 21.18 13.16
C TRP A 1126 10.20 22.08 12.57
N ALA A 1127 11.47 21.72 12.66
CA ALA A 1127 12.53 22.63 12.21
C ALA A 1127 13.39 22.07 11.10
N THR A 1128 13.00 20.94 10.57
CA THR A 1128 13.77 20.34 9.50
C THR A 1128 13.03 20.50 8.20
N ILE A 1129 13.77 20.87 7.16
CA ILE A 1129 13.26 20.73 5.80
C ILE A 1129 14.02 19.59 5.15
N ASP A 1130 13.33 18.47 4.94
CA ASP A 1130 13.90 17.31 4.27
C ASP A 1130 15.25 16.90 4.84
N GLY A 1131 15.35 16.88 6.17
CA GLY A 1131 16.53 16.40 6.85
C GLY A 1131 17.60 17.44 7.01
N VAL A 1132 17.28 18.70 6.71
CA VAL A 1132 18.26 19.78 6.78
C VAL A 1132 17.87 20.87 7.78
N TRP A 1133 18.70 21.11 8.79
CA TRP A 1133 18.30 21.95 9.91
C TRP A 1133 18.23 23.44 9.64
N ASP A 1134 17.14 24.07 10.05
CA ASP A 1134 17.24 25.47 10.35
C ASP A 1134 18.28 25.57 11.47
N PRO A 1135 19.33 26.37 11.26
CA PRO A 1135 20.41 26.36 12.24
C PRO A 1135 20.06 27.10 13.53
N ARG A 1136 19.03 27.92 13.47
CA ARG A 1136 18.66 28.65 14.66
C ARG A 1136 18.12 27.68 15.69
N ALA A 1137 17.51 26.62 15.21
CA ALA A 1137 16.89 25.70 16.14
C ALA A 1137 17.86 24.57 16.39
N HIS A 1138 18.75 24.34 15.43
CA HIS A 1138 19.73 23.25 15.52
C HIS A 1138 20.68 23.36 16.70
N SER A 1139 21.11 24.56 16.98
CA SER A 1139 21.91 24.81 18.15
C SER A 1139 21.17 24.39 19.39
N VAL A 1140 19.90 24.73 19.48
CA VAL A 1140 19.16 24.38 20.70
C VAL A 1140 18.99 22.87 20.81
N TYR A 1141 18.81 22.22 19.68
CA TYR A 1141 18.74 20.76 19.66
C TYR A 1141 20.04 20.22 20.19
N LEU A 1142 21.15 20.54 19.53
CA LEU A 1142 22.43 20.07 20.01
C LEU A 1142 22.63 20.32 21.50
N LYS A 1143 22.30 21.50 21.97
CA LYS A 1143 22.45 21.74 23.39
C LYS A 1143 21.67 20.73 24.22
N TYR A 1144 20.44 20.42 23.86
CA TYR A 1144 19.71 19.63 24.83
C TYR A 1144 19.85 18.16 24.56
N ARG A 1145 20.47 17.81 23.44
CA ARG A 1145 20.77 16.41 23.20
C ARG A 1145 21.77 15.88 24.22
N LYS A 1146 22.53 16.79 24.83
CA LYS A 1146 23.61 16.41 25.74
C LYS A 1146 23.11 15.99 27.11
N LEU A 1147 21.85 16.25 27.39
CA LEU A 1147 21.26 15.81 28.64
C LEU A 1147 21.03 14.31 28.63
N LEU A 1148 20.88 13.73 27.44
CA LEU A 1148 20.65 12.30 27.38
C LEU A 1148 21.90 11.51 27.69
N PRO A 1149 21.74 10.32 28.28
CA PRO A 1149 22.82 9.32 28.32
C PRO A 1149 23.48 9.22 26.96
N LYS A 1150 24.79 9.11 26.95
CA LYS A 1150 25.58 9.11 25.72
C LYS A 1150 25.05 8.16 24.65
N GLN A 1151 24.96 6.87 24.95
CA GLN A 1151 24.58 5.91 23.93
C GLN A 1151 23.29 6.37 23.23
N LEU A 1152 22.45 7.11 23.94
CA LEU A 1152 21.18 7.52 23.40
C LEU A 1152 21.31 8.75 22.52
N GLN A 1153 22.49 9.37 22.58
CA GLN A 1153 22.78 10.54 21.76
C GLN A 1153 23.13 10.16 20.35
N ARG A 1154 23.62 8.95 20.16
CA ARG A 1154 24.07 8.53 18.86
C ARG A 1154 23.17 7.45 18.29
N ASN A 1155 22.16 7.04 19.04
CA ASN A 1155 21.27 5.97 18.58
C ASN A 1155 20.12 6.51 17.76
N THR A 1156 20.26 6.59 16.46
CA THR A 1156 19.26 7.29 15.65
C THR A 1156 18.44 6.38 14.75
N ILE A 1157 17.19 6.76 14.51
CA ILE A 1157 16.29 6.08 13.58
C ILE A 1157 15.81 7.08 12.53
N PRO A 1158 15.29 6.57 11.40
CA PRO A 1158 14.68 7.41 10.36
C PRO A 1158 13.40 8.06 10.88
N ASP A 1159 12.74 8.86 10.05
CA ASP A 1159 11.45 9.40 10.44
C ASP A 1159 10.42 8.37 10.09
N GLY A 1160 9.28 8.42 10.78
CA GLY A 1160 8.19 7.49 10.55
C GLY A 1160 8.22 6.21 11.39
N TYR A 1161 9.24 6.05 12.22
CA TYR A 1161 9.39 4.82 12.99
C TYR A 1161 9.14 4.98 14.47
N GLY A 1162 8.57 6.12 14.87
CA GLY A 1162 8.15 6.33 16.24
C GLY A 1162 9.10 7.26 16.93
N ASP A 1163 9.11 7.24 18.27
CA ASP A 1163 9.93 8.16 19.05
C ASP A 1163 10.77 7.57 20.17
N GLY A 1164 11.16 6.31 20.08
CA GLY A 1164 12.00 5.72 21.11
C GLY A 1164 13.45 5.68 20.67
N ALA A 1165 13.84 6.68 19.89
CA ALA A 1165 15.23 6.85 19.44
C ALA A 1165 15.25 8.23 18.83
N LEU A 1166 16.40 8.89 18.74
CA LEU A 1166 16.42 10.18 18.04
C LEU A 1166 16.28 10.00 16.54
N VAL A 1167 15.49 10.85 15.90
CA VAL A 1167 15.37 10.86 14.44
C VAL A 1167 16.63 11.53 13.88
N GLY A 1168 17.28 10.83 12.96
CA GLY A 1168 18.50 11.30 12.35
C GLY A 1168 18.87 10.29 11.28
N SER A 1169 20.16 10.10 11.05
CA SER A 1169 20.61 9.17 10.00
C SER A 1169 20.96 7.79 10.50
N VAL A 1170 20.18 6.79 10.12
CA VAL A 1170 20.39 5.43 10.60
C VAL A 1170 21.73 4.76 10.14
N LEU A 1171 22.33 5.22 9.05
CA LEU A 1171 23.56 4.58 8.54
C LEU A 1171 24.82 4.94 9.36
N ILE A 1172 24.68 5.85 10.30
CA ILE A 1172 25.76 6.20 11.20
C ILE A 1172 25.34 5.91 12.64
N ASN A 1173 24.58 4.83 12.79
CA ASN A 1173 24.13 4.40 14.10
C ASN A 1173 24.95 3.18 14.44
N PRO A 1174 25.85 3.35 15.43
CA PRO A 1174 26.80 2.33 15.91
C PRO A 1174 26.09 1.15 16.54
N PHE A 1175 24.81 1.28 16.84
CA PHE A 1175 24.05 0.20 17.49
C PHE A 1175 23.18 -0.50 16.47
N ALA A 1176 22.99 0.13 15.32
CA ALA A 1176 22.37 -0.56 14.21
C ALA A 1176 23.11 -1.88 13.98
N LYS A 1177 22.36 -2.95 13.73
CA LYS A 1177 22.98 -4.26 13.54
C LYS A 1177 22.42 -4.89 12.27
N ASN A 1178 23.14 -4.75 11.16
CA ASN A 1178 22.71 -5.41 9.94
C ASN A 1178 22.75 -6.94 10.07
N ARG A 1179 21.64 -7.59 9.79
CA ARG A 1179 21.49 -9.01 10.01
C ARG A 1179 20.75 -9.62 8.83
N GLY A 1180 21.50 -10.20 7.89
CA GLY A 1180 20.88 -10.83 6.74
C GLY A 1180 20.23 -9.82 5.81
N TRP A 1181 20.86 -8.66 5.67
CA TRP A 1181 20.44 -7.68 4.66
C TRP A 1181 19.19 -6.98 5.07
N ILE A 1182 18.77 -7.23 6.30
CA ILE A 1182 17.85 -6.34 6.94
C ILE A 1182 18.52 -5.76 8.19
N ARG A 1183 18.54 -4.43 8.28
CA ARG A 1183 19.21 -3.73 9.37
C ARG A 1183 18.27 -3.51 10.54
N TYR A 1184 18.75 -3.75 11.76
CA TYR A 1184 17.93 -3.55 12.95
C TYR A 1184 18.51 -2.51 13.87
N VAL A 1185 17.75 -1.45 14.12
CA VAL A 1185 18.14 -0.49 15.13
C VAL A 1185 17.28 -0.72 16.36
N PRO A 1186 17.86 -0.55 17.56
CA PRO A 1186 17.08 -0.75 18.77
C PRO A 1186 16.40 0.54 19.26
N VAL A 1187 15.14 0.45 19.66
CA VAL A 1187 14.42 1.60 20.17
C VAL A 1187 13.84 1.33 21.55
N ILE A 1188 13.60 2.41 22.29
CA ILE A 1188 13.03 2.35 23.61
C ILE A 1188 11.54 2.02 23.52
N THR A 1189 11.07 1.10 24.35
CA THR A 1189 9.64 0.84 24.41
C THR A 1189 9.21 0.85 25.86
N ASP A 1190 7.90 0.96 26.08
CA ASP A 1190 7.37 0.80 27.41
C ASP A 1190 7.39 -0.67 27.83
N HIS A 1191 8.05 -0.96 28.93
CA HIS A 1191 8.11 -2.32 29.45
C HIS A 1191 6.73 -2.75 29.88
N THR A 1192 6.26 -3.90 29.41
CA THR A 1192 4.96 -4.41 29.80
C THR A 1192 5.08 -5.73 30.56
N ARG A 1193 3.94 -6.26 30.99
CA ARG A 1193 3.90 -7.57 31.61
C ARG A 1193 2.58 -8.21 31.17
N ASP A 1194 2.61 -9.51 30.90
CA ASP A 1194 1.43 -10.22 30.40
C ASP A 1194 0.31 -10.34 31.42
N ARG A 1195 -0.92 -10.38 30.92
CA ARG A 1195 -2.07 -10.61 31.77
C ARG A 1195 -2.87 -11.74 31.17
N GLU A 1196 -3.64 -12.41 32.01
CA GLU A 1196 -4.55 -13.41 31.51
C GLU A 1196 -5.61 -12.67 30.70
N ARG A 1197 -5.91 -13.16 29.50
CA ARG A 1197 -7.03 -12.64 28.73
C ARG A 1197 -8.24 -13.49 29.10
N ALA A 1198 -9.45 -12.93 28.92
CA ALA A 1198 -10.67 -13.69 29.19
C ALA A 1198 -10.97 -14.67 28.05
N GLU A 1199 -10.73 -15.95 28.27
CA GLU A 1199 -10.82 -16.90 27.17
C GLU A 1199 -12.13 -16.81 26.41
N LEU A 1200 -13.24 -16.86 27.13
CA LEU A 1200 -14.57 -16.79 26.52
C LEU A 1200 -14.85 -15.44 25.85
N GLY A 1201 -14.62 -14.36 26.58
CA GLY A 1201 -14.76 -13.03 26.00
C GLY A 1201 -13.87 -12.75 24.80
N SER A 1202 -12.68 -13.33 24.76
CA SER A 1202 -11.79 -13.15 23.62
C SER A 1202 -12.22 -13.97 22.43
N TYR A 1203 -12.90 -15.07 22.69
CA TYR A 1203 -13.36 -15.91 21.60
C TYR A 1203 -14.65 -15.37 20.98
N LEU A 1204 -15.46 -14.70 21.80
CA LEU A 1204 -16.66 -14.05 21.29
C LEU A 1204 -16.23 -12.86 20.45
N TYR A 1205 -15.26 -12.11 20.97
CA TYR A 1205 -14.77 -10.94 20.25
C TYR A 1205 -14.29 -11.38 18.88
N ASP A 1206 -13.57 -12.50 18.83
CA ASP A 1206 -13.13 -13.10 17.57
C ASP A 1206 -14.27 -13.48 16.66
N LEU A 1207 -15.17 -14.32 17.16
CA LEU A 1207 -16.29 -14.80 16.33
C LEU A 1207 -17.24 -13.70 15.91
N PHE A 1208 -17.42 -12.71 16.78
CA PHE A 1208 -18.29 -11.59 16.50
C PHE A 1208 -17.68 -10.74 15.40
N SER A 1209 -16.34 -10.72 15.39
CA SER A 1209 -15.59 -9.93 14.41
C SER A 1209 -15.55 -10.56 13.03
N ARG A 1210 -15.50 -11.89 12.97
CA ARG A 1210 -15.61 -12.53 11.67
C ARG A 1210 -16.99 -12.28 11.10
N CYS A 1211 -18.00 -12.29 11.97
CA CYS A 1211 -19.35 -11.92 11.56
C CYS A 1211 -19.31 -10.53 10.89
N LEU A 1212 -18.58 -9.59 11.50
CA LEU A 1212 -18.40 -8.26 10.93
C LEU A 1212 -17.74 -8.21 9.53
N SER A 1213 -16.86 -9.16 9.24
CA SER A 1213 -16.21 -9.24 7.92
C SER A 1213 -17.19 -9.52 6.78
N GLU A 1214 -18.04 -10.54 6.97
CA GLU A 1214 -19.01 -10.94 5.95
C GLU A 1214 -20.02 -9.84 5.64
N SER A 1215 -19.86 -8.69 6.28
CA SER A 1215 -20.66 -7.50 5.97
C SER A 1215 -19.76 -6.36 5.44
N ASN A 1216 -18.82 -6.72 4.57
CA ASN A 1216 -17.90 -5.77 3.95
C ASN A 1216 -17.21 -6.38 2.74
N ALA A 1234 -2.73 -6.00 -9.09
CA ALA A 1234 -1.44 -5.63 -8.51
C ALA A 1234 -1.51 -5.54 -6.98
N ILE A 1235 -2.15 -6.53 -6.35
CA ILE A 1235 -2.39 -6.53 -4.90
C ILE A 1235 -2.13 -7.87 -4.20
N ASP A 1236 -1.44 -7.80 -3.07
CA ASP A 1236 -1.16 -8.99 -2.25
C ASP A 1236 -1.15 -8.72 -0.73
N GLN A 1237 -1.92 -7.73 -0.29
CA GLN A 1237 -2.21 -7.57 1.14
C GLN A 1237 -3.24 -8.64 1.52
N LEU A 1238 -3.81 -9.26 0.49
CA LEU A 1238 -4.80 -10.34 0.64
C LEU A 1238 -4.14 -11.64 1.11
N ILE A 1239 -2.84 -11.57 1.42
CA ILE A 1239 -2.09 -12.72 1.94
C ILE A 1239 -2.03 -12.73 3.48
N CYS A 1240 -2.40 -11.60 4.11
CA CYS A 1240 -2.27 -11.43 5.57
C CYS A 1240 -3.59 -11.23 6.33
N ARG A 1241 -3.60 -11.58 7.63
CA ARG A 1241 -4.81 -11.54 8.49
C ARG A 1241 -4.87 -10.38 9.50
N SER A 1242 -5.68 -10.59 10.56
CA SER A 1242 -5.70 -9.71 11.74
C SER A 1242 -5.67 -10.50 13.08
N ASN A 1243 -4.96 -9.95 14.07
CA ASN A 1243 -4.32 -10.74 15.15
C ASN A 1243 -5.06 -11.04 16.49
N PRO A 1244 -4.60 -12.09 17.20
CA PRO A 1244 -5.14 -12.61 18.48
C PRO A 1244 -5.10 -11.62 19.63
N THR A 1245 -6.03 -11.75 20.57
CA THR A 1245 -6.05 -10.84 21.70
C THR A 1245 -4.93 -11.12 22.71
N LYS A 1246 -4.22 -10.05 23.09
CA LYS A 1246 -3.14 -10.17 24.04
C LYS A 1246 -3.15 -8.98 25.00
N ILE A 1247 -3.31 -9.25 26.30
CA ILE A 1247 -3.40 -8.19 27.30
C ILE A 1247 -2.08 -7.95 28.02
N SER A 1248 -1.85 -6.71 28.42
CA SER A 1248 -0.66 -6.41 29.18
C SER A 1248 -0.81 -5.14 30.03
N ARG A 1249 -0.04 -5.07 31.10
CA ARG A 1249 -0.11 -3.97 32.05
C ARG A 1249 1.15 -3.19 31.82
N SER A 1250 1.03 -1.88 31.80
CA SER A 1250 2.21 -1.06 31.57
C SER A 1250 2.94 -0.71 32.88
N THR A 1251 3.99 -1.46 33.22
CA THR A 1251 4.96 -1.05 34.26
C THR A 1251 5.63 0.26 33.82
N GLY A 1252 6.06 1.10 34.75
CA GLY A 1252 6.64 2.40 34.37
C GLY A 1252 8.07 2.34 33.87
N LYS A 1253 8.61 1.13 33.73
CA LYS A 1253 9.98 0.94 33.28
C LYS A 1253 10.05 0.89 31.77
N PHE A 1254 11.24 1.09 31.22
CA PHE A 1254 11.37 1.01 29.78
C PHE A 1254 12.15 -0.21 29.36
N ASP A 1255 11.95 -0.62 28.12
CA ASP A 1255 12.67 -1.75 27.59
C ASP A 1255 13.36 -1.34 26.29
N ILE A 1256 14.03 -2.29 25.64
CA ILE A 1256 14.68 -2.01 24.38
C ILE A 1256 14.23 -3.06 23.41
N GLN A 1257 13.61 -2.65 22.32
CA GLN A 1257 13.21 -3.58 21.29
C GLN A 1257 13.96 -3.27 20.00
N TYR A 1258 14.41 -4.31 19.32
CA TYR A 1258 15.09 -4.14 18.06
C TYR A 1258 14.05 -4.25 16.97
N ILE A 1259 14.01 -3.27 16.07
CA ILE A 1259 13.00 -3.17 15.01
C ILE A 1259 13.67 -2.94 13.67
N ALA A 1260 13.03 -3.37 12.59
CA ALA A 1260 13.60 -3.26 11.24
C ALA A 1260 13.56 -1.85 10.61
N CYS A 1261 14.71 -1.33 10.20
CA CYS A 1261 14.76 -0.06 9.46
C CYS A 1261 15.19 -0.16 8.02
N SER A 1262 14.81 0.86 7.26
CA SER A 1262 15.27 0.99 5.88
C SER A 1262 16.25 2.16 5.78
N SER A 1263 17.35 1.92 5.04
CA SER A 1263 18.49 2.86 4.90
C SER A 1263 18.09 4.34 4.85
N ARG A 1264 16.85 4.62 4.41
CA ARG A 1264 16.33 5.98 4.33
C ARG A 1264 14.95 6.10 4.99
PG GH3 C . -12.97 24.41 22.62
O1G GH3 C . -11.66 23.70 22.85
O2G GH3 C . -12.91 25.31 21.39
O3G GH3 C . -13.34 25.29 23.79
O3B GH3 C . -14.13 23.42 22.49
PB GH3 C . -13.95 21.89 22.26
O1B GH3 C . -13.24 21.40 23.53
O2B GH3 C . -15.29 21.19 22.07
O3A GH3 C . -12.95 21.68 21.04
PA GH3 C . -12.53 20.22 20.47
O1A GH3 C . -11.17 20.36 19.71
O2A GH3 C . -12.31 19.28 21.62
O5' GH3 C . -13.69 19.68 19.53
C5' GH3 C . -14.79 19.01 20.07
C4' GH3 C . -15.66 18.09 19.29
O4' GH3 C . -14.93 16.99 18.68
C3' GH3 C . -16.63 17.42 20.17
C2' GH3 C . -16.07 16.10 20.52
O2' GH3 C . -16.94 15.01 20.35
C1' GH3 C . -14.83 15.98 19.67
N9 GH3 C . -13.61 16.06 20.43
C8 GH3 C . -12.49 16.71 20.41
N7 GH3 C . -11.75 16.37 21.35
C5 GH3 C . -12.27 15.44 22.13
C6 GH3 C . -11.90 14.74 23.25
O6 GH3 C . -10.66 14.97 23.85
N1 GH3 C . -12.75 13.82 23.77
C2 GH3 C . -13.97 13.58 23.21
N2 GH3 C . -14.86 12.56 23.82
N3 GH3 C . -14.39 14.23 22.12
C4 GH3 C . -13.59 15.15 21.56
CA CA D . -13.77 23.60 19.30
CA CA E . -11.89 22.34 16.53
PG GH3 F . -4.28 15.82 15.15
O1G GH3 F . -2.82 16.20 15.34
O2G GH3 F . -4.70 14.77 16.17
O3G GH3 F . -4.48 15.18 13.78
O3B GH3 F . -5.19 17.08 15.29
PB GH3 F . -6.56 17.23 16.06
O1B GH3 F . -7.68 17.27 15.00
O2B GH3 F . -6.80 16.02 16.96
O3A GH3 F . -6.54 18.61 16.96
PA GH3 F . -7.25 20.10 16.82
O1A GH3 F . -7.03 20.88 18.18
O2A GH3 F . -6.68 20.93 15.69
O5' GH3 F . -8.84 19.97 16.70
C5' GH3 F . -9.44 19.79 15.47
C4' GH3 F . -10.70 19.00 15.31
O4' GH3 F . -10.46 17.56 15.21
C3' GH3 F . -11.60 19.21 16.45
C2' GH3 F . -12.20 17.91 16.70
O2' GH3 F . -13.35 17.79 15.93
C1' GH3 F . -11.17 16.93 16.27
N9 GH3 F . -10.38 16.50 17.39
C8 GH3 F . -9.33 16.85 18.06
N7 GH3 F . -9.10 16.04 18.98
C5 GH3 F . -9.99 15.05 19.04
C6 GH3 F . -10.22 13.93 19.83
O6 GH3 F . -9.36 13.66 20.88
N1 GH3 F . -11.30 13.13 19.54
C2 GH3 F . -12.15 13.40 18.49
N2 GH3 F . -13.31 12.52 18.20
N3 GH3 F . -11.96 14.48 17.70
C4 GH3 F . -10.93 15.30 17.94
#